data_5M01
#
_entry.id   5M01
#
_cell.length_a   255.926
_cell.length_b   46.542
_cell.length_c   89.398
_cell.angle_alpha   90.00
_cell.angle_beta   94.34
_cell.angle_gamma   90.00
#
_symmetry.space_group_name_H-M   'C 1 2 1'
#
loop_
_entity.id
_entity.type
_entity.pdbx_description
1 polymer 'H-2 class I histocompatibility antigen, D-B alpha chain'
2 polymer Beta-2-microglobulin
3 polymer 'Protein Trav14-1,T-cell receptor alpha chain C region'
4 polymer 'T-cell receptor beta chain V region C5,T-cell receptor beta-2 chain C region'
5 polymer 'LCMV-DERIVED GP33 ALTERED PEPTIDE LIGAND PA'
6 non-polymer GLYCEROL
7 water water
#
loop_
_entity_poly.entity_id
_entity_poly.type
_entity_poly.pdbx_seq_one_letter_code
_entity_poly.pdbx_strand_id
1 'polypeptide(L)'
;GPHSMRYFETAVSRPGLEEPRYISVGYVDNKEFVRFDSDAENPRYEPRAPWMEQEGPEYWERETQKAKGQEQWFRVSLRN
LLGYYNQSAGGSHTLQQMSGCDLGSDWRLLRGYLQFAYEGRDYIALNEDLKTWTAADMAAQITRRKWEQSGAAEHYKAYL
EGECVEWLHRYLKNGNATLLRTDSPKAHVTHHPRSKGEVTLRCWALGFYPADITLTWQLNGEELTQDMELVETRPAGDGT
FQKWASVVVPLGKEQNYTCRVYHEGLPEPLTLRWEP
;
A
2 'polypeptide(L)'
;MARSVTLVFLVLVSLTGLMGIQKTPQIQVYSRHPPENGKPNILNCYVTQFHPPHIEIQMLKNGKKIPKVEMSDMSFSKDW
SFYILAHTEFTPTETDTYACRVKHDSMAEPKTVYWDRDM
;
B
3 'polypeptide(L)'
;QQKEKHDQQQVRQSPQSLTVWEGGTTVLTCSYEDSTFNYFPWYQQFPGEGPALLISILSVSDKKEDGRFTTFFNKREKKL
SLHIIDSQPGDSATYFCAALYGNEKITFGAGTKLTIKPNIQNPEPAVYQLKDPRSQDSTLCLFTDFDSQINVPKTMESGT
FITDKCVLDMKAMDSKSNGAIAWSNQTSFTCQDIFKETNATYPSS
;
G
4 'polypeptide(L)'
;AVTQSPRSKVAVTGGKVTLSCHQTNNHDYMYWYRQDTGHGLRLIHYSYVADSTEKGDIPDGYKASRPSQENFSLILELAS
LSQTAVYFCASSDAGGRNTLYFGAGTRLSVLEDLRNVTPPKVSLFEPSKAEIANKQKATLVCLARGFFPDHVELSWWVNG
KEVHSGVCTDPQAYKESNYSYSLSSRLRVSATFWHNPRNHFRCQVQFHGLSEEDKWPEGSPKPVTQNISAEAWGRADC
;
H
5 'polypeptide(L)' KAPANFATM P
#
loop_
_chem_comp.id
_chem_comp.type
_chem_comp.name
_chem_comp.formula
GOL non-polymer GLYCEROL 'C3 H8 O3'
#
# COMPACT_ATOMS: atom_id res chain seq x y z
N GLY A 1 -25.09 26.52 7.31
CA GLY A 1 -25.64 25.64 6.22
C GLY A 1 -24.75 24.44 6.00
N PRO A 2 -25.14 23.56 5.03
CA PRO A 2 -24.31 22.38 4.84
C PRO A 2 -23.01 22.79 4.13
N HIS A 3 -22.09 21.85 4.06
CA HIS A 3 -20.85 22.04 3.35
C HIS A 3 -20.47 20.67 2.78
N SER A 4 -19.64 20.68 1.75
CA SER A 4 -19.21 19.46 1.10
C SER A 4 -17.74 19.55 0.69
N MET A 5 -17.11 18.40 0.57
CA MET A 5 -15.80 18.29 -0.04
C MET A 5 -15.85 17.11 -1.00
N ARG A 6 -15.17 17.25 -2.12
CA ARG A 6 -15.16 16.16 -3.11
C ARG A 6 -13.83 16.13 -3.76
N TYR A 7 -13.38 14.92 -4.07
CA TYR A 7 -12.25 14.73 -4.96
C TYR A 7 -12.79 13.96 -6.14
N PHE A 8 -12.65 14.55 -7.35
CA PHE A 8 -13.05 13.94 -8.58
C PHE A 8 -11.76 13.55 -9.33
N GLU A 9 -11.62 12.26 -9.66
CA GLU A 9 -10.37 11.73 -10.20
C GLU A 9 -10.66 10.99 -11.47
N THR A 10 -9.77 11.12 -12.45
CA THR A 10 -9.92 10.45 -13.74
C THR A 10 -8.54 9.86 -14.13
N ALA A 11 -8.53 8.63 -14.64
CA ALA A 11 -7.40 8.05 -15.34
C ALA A 11 -7.87 7.57 -16.69
N VAL A 12 -7.19 7.98 -17.74
CA VAL A 12 -7.54 7.64 -19.13
C VAL A 12 -6.30 6.97 -19.77
N SER A 13 -6.45 5.71 -20.17
CA SER A 13 -5.34 4.95 -20.76
C SER A 13 -5.19 5.43 -22.18
N ARG A 14 -3.98 5.32 -22.69
CA ARG A 14 -3.69 5.79 -24.05
C ARG A 14 -3.10 4.67 -24.85
N PRO A 15 -3.57 4.48 -26.10
CA PRO A 15 -3.12 3.34 -26.91
C PRO A 15 -1.63 3.30 -27.23
N GLY A 16 -0.90 4.38 -27.08
CA GLY A 16 0.51 4.34 -27.43
C GLY A 16 1.40 3.89 -26.28
N LEU A 17 2.60 4.43 -26.26
CA LEU A 17 3.55 4.18 -25.23
C LEU A 17 3.23 4.87 -23.90
N GLU A 18 2.45 5.93 -23.92
CA GLU A 18 2.26 6.76 -22.73
C GLU A 18 1.42 5.99 -21.71
N GLU A 19 1.82 6.16 -20.45
CA GLU A 19 1.03 5.75 -19.29
C GLU A 19 -0.30 6.54 -19.24
N PRO A 20 -1.27 6.08 -18.44
CA PRO A 20 -2.55 6.78 -18.40
C PRO A 20 -2.42 8.21 -17.95
N ARG A 21 -3.26 9.09 -18.50
CA ARG A 21 -3.40 10.45 -17.98
C ARG A 21 -4.20 10.34 -16.64
N TYR A 22 -3.65 10.86 -15.57
CA TYR A 22 -4.29 10.92 -14.25
C TYR A 22 -4.44 12.36 -13.80
N ILE A 23 -5.68 12.72 -13.49
CA ILE A 23 -6.04 14.04 -13.02
C ILE A 23 -6.88 13.91 -11.78
N SER A 24 -6.58 14.71 -10.76
CA SER A 24 -7.41 14.81 -9.55
C SER A 24 -7.76 16.25 -9.23
N VAL A 25 -9.05 16.49 -8.97
CA VAL A 25 -9.50 17.82 -8.66
C VAL A 25 -10.24 17.75 -7.33
N GLY A 26 -9.88 18.64 -6.41
CA GLY A 26 -10.58 18.75 -5.09
C GLY A 26 -11.53 19.94 -5.18
N TYR A 27 -12.67 19.84 -4.50
CA TYR A 27 -13.70 20.87 -4.41
C TYR A 27 -14.08 21.06 -2.94
N VAL A 28 -14.25 22.31 -2.50
CA VAL A 28 -14.91 22.59 -1.26
C VAL A 28 -16.13 23.41 -1.61
N ASP A 29 -17.30 22.95 -1.14
CA ASP A 29 -18.57 23.62 -1.55
C ASP A 29 -18.64 23.93 -3.06
N ASN A 30 -18.27 22.93 -3.84
CA ASN A 30 -18.29 22.96 -5.29
C ASN A 30 -17.35 23.96 -5.95
N LYS A 31 -16.37 24.47 -5.22
CA LYS A 31 -15.35 25.37 -5.75
C LYS A 31 -14.06 24.60 -5.78
N GLU A 32 -13.45 24.54 -6.96
CA GLU A 32 -12.16 23.91 -7.16
C GLU A 32 -11.10 24.55 -6.25
N PHE A 33 -10.34 23.73 -5.53
CA PHE A 33 -9.34 24.26 -4.60
C PHE A 33 -7.98 23.62 -4.71
N VAL A 34 -7.92 22.42 -5.24
CA VAL A 34 -6.65 21.82 -5.60
C VAL A 34 -6.78 21.03 -6.88
N ARG A 35 -5.66 20.80 -7.54
CA ARG A 35 -5.63 20.00 -8.76
C ARG A 35 -4.23 19.38 -8.98
N PHE A 36 -4.25 18.12 -9.42
CA PHE A 36 -3.08 17.40 -9.87
C PHE A 36 -3.34 16.92 -11.31
N ASP A 37 -2.33 17.06 -12.17
CA ASP A 37 -2.39 16.56 -13.54
C ASP A 37 -1.03 15.95 -13.91
N SER A 38 -1.02 14.64 -14.18
CA SER A 38 0.19 13.88 -14.58
C SER A 38 0.84 14.41 -15.86
N ASP A 39 0.10 15.13 -16.72
CA ASP A 39 0.66 15.72 -17.92
C ASP A 39 1.37 17.08 -17.68
N ALA A 40 1.30 17.66 -16.49
CA ALA A 40 2.02 18.94 -16.24
C ALA A 40 3.51 18.70 -16.28
N GLU A 41 4.24 19.75 -16.64
CA GLU A 41 5.70 19.65 -16.71
C GLU A 41 6.27 19.16 -15.40
N ASN A 42 5.76 19.68 -14.29
CA ASN A 42 6.16 19.19 -12.99
C ASN A 42 4.93 18.69 -12.25
N PRO A 43 4.60 17.38 -12.38
CA PRO A 43 3.30 16.96 -11.84
C PRO A 43 3.23 17.03 -10.32
N ARG A 44 2.30 17.83 -9.80
CA ARG A 44 2.16 18.05 -8.36
CA ARG A 44 2.20 18.13 -8.38
C ARG A 44 0.80 18.63 -8.10
N TYR A 45 0.34 18.42 -6.89
CA TYR A 45 -0.87 19.07 -6.48
C TYR A 45 -0.55 20.55 -6.37
N GLU A 46 -1.47 21.38 -6.83
CA GLU A 46 -1.34 22.83 -6.82
C GLU A 46 -2.57 23.49 -6.22
N PRO A 47 -2.36 24.62 -5.51
CA PRO A 47 -3.51 25.36 -4.98
C PRO A 47 -4.32 26.01 -6.11
N ARG A 48 -5.65 25.96 -6.02
CA ARG A 48 -6.53 26.53 -7.03
C ARG A 48 -7.47 27.58 -6.45
N ALA A 49 -7.37 27.84 -5.16
CA ALA A 49 -8.07 28.95 -4.54
C ALA A 49 -7.05 29.63 -3.60
N PRO A 50 -7.13 30.97 -3.46
CA PRO A 50 -6.14 31.79 -2.72
C PRO A 50 -5.84 31.32 -1.30
N TRP A 51 -6.91 30.93 -0.62
CA TRP A 51 -6.89 30.49 0.74
C TRP A 51 -6.13 29.17 1.04
N MET A 52 -5.87 28.35 -0.01
CA MET A 52 -5.02 27.18 0.15
C MET A 52 -3.54 27.50 0.33
N GLU A 53 -3.15 28.75 0.12
CA GLU A 53 -1.79 29.20 0.41
C GLU A 53 -1.42 29.18 1.93
N GLN A 54 -2.36 28.87 2.81
CA GLN A 54 -2.07 28.63 4.23
C GLN A 54 -1.31 27.33 4.53
N GLU A 55 -1.35 26.38 3.61
CA GLU A 55 -0.71 25.08 3.84
C GLU A 55 0.80 25.18 3.54
N GLY A 56 1.63 24.59 4.40
CA GLY A 56 3.07 24.51 4.19
C GLY A 56 3.54 23.58 3.07
N PRO A 57 4.85 23.54 2.82
CA PRO A 57 5.33 22.70 1.73
C PRO A 57 5.09 21.17 1.93
N GLU A 58 5.06 20.72 3.17
CA GLU A 58 4.80 19.35 3.49
C GLU A 58 3.38 18.90 3.04
N TYR A 59 2.37 19.75 3.20
CA TYR A 59 1.07 19.51 2.63
C TYR A 59 1.19 19.17 1.15
N TRP A 60 1.83 20.03 0.35
CA TRP A 60 1.90 19.81 -1.12
C TRP A 60 2.79 18.60 -1.44
N GLU A 61 3.90 18.45 -0.73
CA GLU A 61 4.75 17.28 -0.91
C GLU A 61 4.03 15.96 -0.69
N ARG A 62 3.38 15.81 0.45
CA ARG A 62 2.72 14.56 0.80
C ARG A 62 1.45 14.30 0.00
N GLU A 63 0.70 15.35 -0.32
CA GLU A 63 -0.42 15.18 -1.26
C GLU A 63 0.05 14.72 -2.62
N THR A 64 1.18 15.27 -3.07
CA THR A 64 1.75 14.91 -4.33
C THR A 64 2.17 13.42 -4.37
N GLN A 65 2.87 13.00 -3.33
CA GLN A 65 3.17 11.59 -3.14
C GLN A 65 1.90 10.72 -3.15
N LYS A 66 0.87 11.16 -2.45
CA LYS A 66 -0.41 10.49 -2.52
C LYS A 66 -0.95 10.33 -3.97
N ALA A 67 -0.97 11.41 -4.74
CA ALA A 67 -1.38 11.36 -6.13
C ALA A 67 -0.54 10.38 -6.90
N LYS A 68 0.79 10.41 -6.67
CA LYS A 68 1.66 9.45 -7.37
C LYS A 68 1.22 8.00 -7.08
N GLY A 69 0.84 7.72 -5.83
CA GLY A 69 0.35 6.39 -5.44
C GLY A 69 -0.99 6.07 -6.14
N GLN A 70 -1.90 7.05 -6.15
CA GLN A 70 -3.19 6.93 -6.85
C GLN A 70 -3.02 6.67 -8.32
N GLU A 71 -2.03 7.31 -8.93
CA GLU A 71 -1.79 7.12 -10.32
C GLU A 71 -1.43 5.64 -10.63
N GLN A 72 -0.59 5.04 -9.80
CA GLN A 72 -0.26 3.62 -9.92
C GLN A 72 -1.47 2.76 -9.68
N TRP A 73 -2.28 3.16 -8.70
CA TRP A 73 -3.50 2.41 -8.38
C TRP A 73 -4.45 2.39 -9.56
N PHE A 74 -4.63 3.55 -10.18
CA PHE A 74 -5.51 3.62 -11.36
C PHE A 74 -4.94 2.85 -12.54
N ARG A 75 -3.62 2.93 -12.73
CA ARG A 75 -2.97 2.14 -13.80
C ARG A 75 -3.26 0.64 -13.62
N VAL A 76 -3.04 0.14 -12.38
CA VAL A 76 -3.31 -1.28 -12.12
C VAL A 76 -4.78 -1.59 -12.31
N SER A 77 -5.63 -0.72 -11.80
CA SER A 77 -7.06 -0.97 -11.89
C SER A 77 -7.53 -0.98 -13.34
N LEU A 78 -7.05 -0.03 -14.15
CA LEU A 78 -7.42 -0.04 -15.56
C LEU A 78 -7.04 -1.38 -16.24
N ARG A 79 -5.85 -1.88 -15.91
CA ARG A 79 -5.34 -3.09 -16.56
C ARG A 79 -6.20 -4.27 -16.14
N ASN A 80 -6.54 -4.33 -14.85
CA ASN A 80 -7.47 -5.36 -14.38
C ASN A 80 -8.82 -5.31 -15.05
N LEU A 81 -9.39 -4.11 -15.23
CA LEU A 81 -10.70 -4.02 -15.86
C LEU A 81 -10.63 -4.43 -17.31
N LEU A 82 -9.51 -4.10 -17.95
CA LEU A 82 -9.35 -4.50 -19.33
C LEU A 82 -9.47 -6.04 -19.44
N GLY A 83 -8.92 -6.78 -18.49
CA GLY A 83 -9.09 -8.25 -18.43
C GLY A 83 -10.51 -8.71 -18.05
N TYR A 84 -11.12 -8.06 -17.06
CA TYR A 84 -12.47 -8.42 -16.66
C TYR A 84 -13.47 -8.29 -17.80
N TYR A 85 -13.32 -7.29 -18.65
CA TYR A 85 -14.27 -7.10 -19.77
C TYR A 85 -13.77 -7.72 -21.08
N ASN A 86 -12.59 -8.34 -21.08
CA ASN A 86 -11.98 -8.95 -22.31
C ASN A 86 -11.86 -7.96 -23.46
N GLN A 87 -11.35 -6.77 -23.15
CA GLN A 87 -11.23 -5.69 -24.15
C GLN A 87 -9.88 -5.79 -24.86
N SER A 88 -9.81 -5.31 -26.11
CA SER A 88 -8.57 -5.27 -26.91
C SER A 88 -7.52 -4.34 -26.35
N ALA A 89 -6.25 -4.62 -26.69
CA ALA A 89 -5.12 -3.98 -26.02
C ALA A 89 -4.87 -2.52 -26.43
N GLY A 90 -5.25 -2.17 -27.66
CA GLY A 90 -4.83 -0.90 -28.26
C GLY A 90 -5.92 0.13 -28.24
N GLY A 91 -6.68 0.19 -27.15
CA GLY A 91 -7.78 1.13 -27.05
C GLY A 91 -7.51 2.18 -25.99
N SER A 92 -8.53 2.99 -25.74
CA SER A 92 -8.48 4.01 -24.72
C SER A 92 -9.67 3.83 -23.76
N HIS A 93 -9.43 3.87 -22.45
CA HIS A 93 -10.46 3.51 -21.45
C HIS A 93 -10.40 4.50 -20.28
N THR A 94 -11.55 4.82 -19.69
CA THR A 94 -11.66 5.85 -18.67
C THR A 94 -12.19 5.26 -17.38
N LEU A 95 -11.44 5.48 -16.30
CA LEU A 95 -11.85 5.15 -14.97
C LEU A 95 -11.97 6.45 -14.18
N GLN A 96 -13.09 6.63 -13.48
CA GLN A 96 -13.30 7.82 -12.68
C GLN A 96 -13.72 7.45 -11.26
N GLN A 97 -13.44 8.37 -10.32
CA GLN A 97 -13.76 8.21 -8.93
C GLN A 97 -14.31 9.55 -8.43
N MET A 98 -15.37 9.48 -7.63
CA MET A 98 -15.82 10.58 -6.80
C MET A 98 -15.82 10.11 -5.34
N SER A 99 -15.22 10.94 -4.48
CA SER A 99 -15.06 10.68 -3.08
C SER A 99 -15.34 11.93 -2.29
N GLY A 100 -15.87 11.80 -1.10
CA GLY A 100 -16.06 12.95 -0.22
C GLY A 100 -17.21 12.86 0.76
N CYS A 101 -17.53 14.02 1.33
CA CYS A 101 -18.40 14.11 2.49
C CYS A 101 -19.29 15.33 2.42
N ASP A 102 -20.48 15.22 2.96
CA ASP A 102 -21.41 16.31 3.19
C ASP A 102 -21.52 16.46 4.68
N LEU A 103 -21.45 17.69 5.14
CA LEU A 103 -21.39 18.00 6.56
C LEU A 103 -22.50 18.97 6.86
N GLY A 104 -23.09 18.86 8.07
CA GLY A 104 -24.03 19.89 8.57
C GLY A 104 -23.25 21.06 9.14
N SER A 105 -23.97 22.11 9.54
CA SER A 105 -23.38 23.24 10.25
C SER A 105 -22.93 22.85 11.67
N ASP A 106 -23.40 21.73 12.19
CA ASP A 106 -22.88 21.18 13.46
C ASP A 106 -21.64 20.24 13.22
N TRP A 107 -21.13 20.17 11.97
CA TRP A 107 -19.96 19.37 11.57
C TRP A 107 -20.22 17.86 11.67
N ARG A 108 -21.47 17.45 11.73
CA ARG A 108 -21.79 16.06 11.66
C ARG A 108 -21.67 15.60 10.22
N LEU A 109 -21.08 14.42 10.01
CA LEU A 109 -21.08 13.77 8.71
C LEU A 109 -22.53 13.42 8.36
N LEU A 110 -23.04 13.95 7.25
CA LEU A 110 -24.39 13.60 6.79
C LEU A 110 -24.35 12.45 5.82
N ARG A 111 -23.28 12.40 5.00
CA ARG A 111 -23.14 11.33 4.05
C ARG A 111 -21.74 11.30 3.49
N GLY A 112 -21.21 10.08 3.34
CA GLY A 112 -19.91 9.85 2.74
C GLY A 112 -20.09 9.21 1.38
N TYR A 113 -19.22 9.51 0.41
CA TYR A 113 -19.31 8.98 -0.95
C TYR A 113 -17.99 8.39 -1.35
N LEU A 114 -18.06 7.25 -2.02
CA LEU A 114 -16.88 6.60 -2.56
C LEU A 114 -17.34 5.71 -3.70
N GLN A 115 -17.23 6.23 -4.93
CA GLN A 115 -17.81 5.57 -6.08
C GLN A 115 -17.01 5.75 -7.36
N PHE A 116 -17.21 4.79 -8.25
CA PHE A 116 -16.43 4.73 -9.47
C PHE A 116 -17.31 4.53 -10.71
N ALA A 117 -16.78 4.94 -11.86
CA ALA A 117 -17.34 4.68 -13.15
C ALA A 117 -16.26 4.19 -14.09
N TYR A 118 -16.64 3.27 -14.97
CA TYR A 118 -15.74 2.85 -16.03
C TYR A 118 -16.46 3.08 -17.35
N GLU A 119 -15.77 3.73 -18.27
CA GLU A 119 -16.30 4.03 -19.59
C GLU A 119 -17.63 4.75 -19.47
N GLY A 120 -17.75 5.62 -18.45
CA GLY A 120 -18.93 6.47 -18.32
C GLY A 120 -20.12 5.84 -17.68
N ARG A 121 -19.98 4.63 -17.12
CA ARG A 121 -21.10 3.90 -16.51
C ARG A 121 -20.73 3.62 -15.06
N ASP A 122 -21.68 3.78 -14.16
CA ASP A 122 -21.44 3.39 -12.77
C ASP A 122 -20.87 1.95 -12.69
N TYR A 123 -19.82 1.78 -11.90
CA TYR A 123 -19.13 0.52 -11.75
C TYR A 123 -19.37 -0.04 -10.33
N ILE A 124 -18.93 0.69 -9.31
CA ILE A 124 -19.08 0.29 -7.95
C ILE A 124 -19.17 1.51 -7.07
N ALA A 125 -19.90 1.38 -5.98
CA ALA A 125 -20.13 2.49 -5.03
C ALA A 125 -20.25 1.95 -3.62
N LEU A 126 -19.68 2.68 -2.67
CA LEU A 126 -19.83 2.35 -1.29
C LEU A 126 -21.21 2.80 -0.86
N ASN A 127 -21.96 1.94 -0.25
CA ASN A 127 -23.28 2.32 0.24
C ASN A 127 -23.23 3.32 1.39
N GLU A 128 -24.38 3.93 1.66
CA GLU A 128 -24.55 4.91 2.70
C GLU A 128 -24.08 4.41 4.09
N ASP A 129 -24.21 3.11 4.35
CA ASP A 129 -23.71 2.52 5.64
C ASP A 129 -22.17 2.60 5.77
N LEU A 130 -21.48 2.86 4.68
CA LEU A 130 -20.02 2.90 4.66
C LEU A 130 -19.41 1.55 5.00
N LYS A 131 -20.17 0.50 4.70
CA LYS A 131 -19.77 -0.87 5.02
C LYS A 131 -19.92 -1.85 3.89
N THR A 132 -20.89 -1.65 3.02
CA THR A 132 -21.18 -2.58 1.95
C THR A 132 -21.14 -1.83 0.62
N TRP A 133 -20.99 -2.61 -0.44
CA TRP A 133 -20.78 -2.13 -1.77
C TRP A 133 -21.97 -2.45 -2.67
N THR A 134 -22.27 -1.59 -3.64
CA THR A 134 -23.21 -1.89 -4.72
C THR A 134 -22.38 -1.93 -6.00
N ALA A 135 -22.46 -3.06 -6.69
CA ALA A 135 -21.68 -3.31 -7.88
C ALA A 135 -22.63 -3.38 -9.05
N ALA A 136 -22.34 -2.65 -10.14
CA ALA A 136 -23.32 -2.48 -11.22
C ALA A 136 -23.32 -3.59 -12.26
N ASP A 137 -22.22 -4.34 -12.44
CA ASP A 137 -22.16 -5.32 -13.54
C ASP A 137 -21.28 -6.50 -13.17
N MET A 138 -21.06 -7.42 -14.11
CA MET A 138 -20.34 -8.64 -13.80
C MET A 138 -18.93 -8.38 -13.28
N ALA A 139 -18.20 -7.52 -13.98
CA ALA A 139 -16.84 -7.19 -13.61
C ALA A 139 -16.78 -6.59 -12.21
N ALA A 140 -17.65 -5.62 -11.93
CA ALA A 140 -17.71 -5.05 -10.59
C ALA A 140 -17.99 -6.03 -9.46
N GLN A 141 -18.66 -7.16 -9.73
CA GLN A 141 -18.83 -8.18 -8.70
C GLN A 141 -17.44 -8.74 -8.34
N ILE A 142 -16.54 -8.78 -9.31
CA ILE A 142 -15.18 -9.31 -9.05
C ILE A 142 -14.51 -8.36 -8.06
N THR A 143 -14.52 -7.09 -8.43
CA THR A 143 -14.03 -6.05 -7.54
C THR A 143 -14.71 -6.09 -6.17
N ARG A 144 -16.05 -6.22 -6.14
CA ARG A 144 -16.76 -6.23 -4.87
C ARG A 144 -16.24 -7.34 -3.93
N ARG A 145 -16.16 -8.54 -4.49
CA ARG A 145 -15.71 -9.69 -3.74
C ARG A 145 -14.29 -9.46 -3.20
N LYS A 146 -13.41 -8.97 -4.06
CA LYS A 146 -12.05 -8.63 -3.68
C LYS A 146 -11.98 -7.62 -2.52
N TRP A 147 -12.80 -6.58 -2.59
CA TRP A 147 -12.82 -5.59 -1.56
C TRP A 147 -13.48 -6.06 -0.29
N GLU A 148 -14.49 -6.93 -0.40
CA GLU A 148 -15.11 -7.54 0.76
C GLU A 148 -14.08 -8.39 1.51
N GLN A 149 -13.30 -9.21 0.79
CA GLN A 149 -12.26 -10.08 1.38
C GLN A 149 -11.08 -9.30 2.02
N SER A 150 -10.71 -8.16 1.47
CA SER A 150 -9.61 -7.42 2.03
C SER A 150 -10.06 -6.37 3.05
N GLY A 151 -11.35 -6.22 3.28
CA GLY A 151 -11.81 -5.28 4.27
C GLY A 151 -11.67 -3.81 3.82
N ALA A 152 -11.76 -3.56 2.51
CA ALA A 152 -11.51 -2.24 1.94
C ALA A 152 -12.48 -1.16 2.47
N ALA A 153 -13.75 -1.51 2.67
CA ALA A 153 -14.73 -0.52 3.17
C ALA A 153 -14.31 0.14 4.45
N GLU A 154 -13.70 -0.61 5.36
CA GLU A 154 -13.26 -0.03 6.63
C GLU A 154 -12.28 1.12 6.43
N HIS A 155 -11.39 0.99 5.45
CA HIS A 155 -10.41 2.02 5.18
C HIS A 155 -11.10 3.28 4.60
N TYR A 156 -12.09 3.09 3.73
CA TYR A 156 -12.82 4.24 3.18
C TYR A 156 -13.74 4.89 4.21
N LYS A 157 -14.34 4.07 5.06
CA LYS A 157 -15.16 4.57 6.16
C LYS A 157 -14.32 5.50 7.09
N ALA A 158 -13.12 5.02 7.43
CA ALA A 158 -12.15 5.81 8.26
C ALA A 158 -11.83 7.16 7.62
N TYR A 159 -11.44 7.14 6.34
CA TYR A 159 -11.22 8.36 5.59
C TYR A 159 -12.46 9.31 5.64
N LEU A 160 -13.62 8.76 5.29
CA LEU A 160 -14.81 9.60 5.17
C LEU A 160 -15.31 10.22 6.48
N GLU A 161 -15.25 9.47 7.59
CA GLU A 161 -15.64 9.97 8.89
C GLU A 161 -14.53 10.73 9.61
N GLY A 162 -13.26 10.56 9.21
CA GLY A 162 -12.18 11.19 9.95
C GLY A 162 -11.63 12.33 9.11
N GLU A 163 -10.64 12.00 8.28
CA GLU A 163 -9.94 13.01 7.50
C GLU A 163 -10.85 13.88 6.66
N CYS A 164 -11.78 13.29 5.95
CA CYS A 164 -12.64 14.09 5.06
C CYS A 164 -13.32 15.24 5.86
N VAL A 165 -13.94 14.90 7.00
CA VAL A 165 -14.63 15.84 7.91
C VAL A 165 -13.68 16.87 8.49
N GLU A 166 -12.55 16.40 9.00
CA GLU A 166 -11.60 17.29 9.68
C GLU A 166 -10.89 18.26 8.73
N TRP A 167 -10.49 17.80 7.58
CA TRP A 167 -9.85 18.68 6.62
C TRP A 167 -10.85 19.66 5.98
N LEU A 168 -12.08 19.19 5.72
CA LEU A 168 -13.11 20.12 5.22
C LEU A 168 -13.28 21.28 6.20
N HIS A 169 -13.35 20.95 7.48
CA HIS A 169 -13.52 21.97 8.54
C HIS A 169 -12.36 22.98 8.47
N ARG A 170 -11.13 22.47 8.49
CA ARG A 170 -9.98 23.33 8.37
C ARG A 170 -10.03 24.23 7.11
N TYR A 171 -10.39 23.66 5.95
CA TYR A 171 -10.48 24.42 4.71
C TYR A 171 -11.56 25.50 4.77
N LEU A 172 -12.69 25.21 5.39
CA LEU A 172 -13.74 26.25 5.54
C LEU A 172 -13.31 27.40 6.44
N LYS A 173 -12.62 27.11 7.54
CA LYS A 173 -12.05 28.17 8.39
C LYS A 173 -11.11 29.06 7.60
N ASN A 174 -10.12 28.44 6.95
CA ASN A 174 -9.16 29.19 6.13
C ASN A 174 -9.81 29.90 4.92
N GLY A 175 -10.84 29.31 4.35
CA GLY A 175 -11.42 29.82 3.11
C GLY A 175 -12.67 30.64 3.27
N ASN A 176 -13.01 30.99 4.52
CA ASN A 176 -14.35 31.50 4.84
C ASN A 176 -14.68 32.75 4.02
N ALA A 177 -13.89 33.81 4.24
CA ALA A 177 -14.11 35.13 3.61
C ALA A 177 -14.17 35.01 2.09
N THR A 178 -13.28 34.21 1.49
CA THR A 178 -13.27 34.09 0.04
C THR A 178 -14.45 33.22 -0.45
N LEU A 179 -14.81 32.16 0.29
CA LEU A 179 -15.95 31.31 -0.06
C LEU A 179 -17.29 32.03 -0.02
N LEU A 180 -17.42 33.04 0.83
CA LEU A 180 -18.63 33.88 0.84
C LEU A 180 -18.72 34.91 -0.28
N ARG A 181 -17.67 35.09 -1.09
CA ARG A 181 -17.64 36.20 -2.08
C ARG A 181 -18.68 35.94 -3.16
N THR A 182 -19.38 37.01 -3.53
CA THR A 182 -20.34 36.97 -4.63
C THR A 182 -20.12 38.13 -5.61
N ASP A 183 -20.51 37.94 -6.88
CA ASP A 183 -20.67 39.04 -7.83
C ASP A 183 -22.12 38.93 -8.33
N SER A 184 -22.89 40.01 -8.22
CA SER A 184 -24.29 39.98 -8.59
C SER A 184 -24.48 39.92 -10.10
N PRO A 185 -25.53 39.26 -10.58
CA PRO A 185 -25.80 39.35 -12.01
C PRO A 185 -26.26 40.72 -12.40
N LYS A 186 -25.89 41.12 -13.61
CA LYS A 186 -26.49 42.27 -14.31
C LYS A 186 -27.44 41.69 -15.33
N ALA A 187 -28.67 42.19 -15.36
CA ALA A 187 -29.70 41.60 -16.17
C ALA A 187 -30.28 42.58 -17.14
N HIS A 188 -30.65 42.08 -18.31
CA HIS A 188 -31.44 42.87 -19.26
C HIS A 188 -32.22 41.93 -20.17
N VAL A 189 -33.24 42.47 -20.82
CA VAL A 189 -34.10 41.71 -21.72
C VAL A 189 -33.87 42.21 -23.14
N THR A 190 -33.74 41.27 -24.08
CA THR A 190 -33.64 41.58 -25.51
C THR A 190 -34.85 40.99 -26.23
N HIS A 191 -35.13 41.58 -27.38
CA HIS A 191 -36.39 41.40 -28.13
C HIS A 191 -35.99 40.98 -29.52
N HIS A 192 -36.39 39.79 -29.95
CA HIS A 192 -35.98 39.23 -31.22
C HIS A 192 -37.21 38.74 -31.93
N PRO A 193 -37.67 39.52 -32.95
CA PRO A 193 -38.73 39.06 -33.84
C PRO A 193 -38.49 37.63 -34.37
N ARG A 194 -39.58 36.90 -34.57
CA ARG A 194 -39.62 35.69 -35.40
C ARG A 194 -40.96 35.61 -36.16
N SER A 195 -41.15 34.56 -36.94
CA SER A 195 -42.25 34.50 -37.90
C SER A 195 -43.64 34.53 -37.26
N LYS A 196 -44.63 34.78 -38.11
CA LYS A 196 -46.06 34.74 -37.80
C LYS A 196 -46.48 35.53 -36.56
N GLY A 197 -46.02 36.78 -36.49
CA GLY A 197 -46.36 37.71 -35.39
C GLY A 197 -45.97 37.28 -33.97
N GLU A 198 -44.83 36.62 -33.82
CA GLU A 198 -44.34 36.21 -32.51
C GLU A 198 -42.97 36.78 -32.28
N VAL A 199 -42.60 36.97 -31.01
CA VAL A 199 -41.27 37.43 -30.71
C VAL A 199 -40.67 36.59 -29.57
N THR A 200 -39.36 36.37 -29.67
CA THR A 200 -38.57 35.83 -28.58
C THR A 200 -38.13 36.98 -27.67
N LEU A 201 -38.48 36.87 -26.38
CA LEU A 201 -37.92 37.70 -25.33
C LEU A 201 -36.84 36.87 -24.63
N ARG A 202 -35.63 37.42 -24.52
CA ARG A 202 -34.50 36.71 -23.93
C ARG A 202 -34.03 37.51 -22.75
N CYS A 203 -34.12 36.88 -21.58
CA CYS A 203 -33.67 37.48 -20.37
C CYS A 203 -32.25 37.01 -20.06
N TRP A 204 -31.32 37.97 -20.01
CA TRP A 204 -29.88 37.73 -19.78
C TRP A 204 -29.46 38.02 -18.36
N ALA A 205 -28.62 37.18 -17.79
CA ALA A 205 -27.89 37.52 -16.59
C ALA A 205 -26.39 37.37 -16.86
N LEU A 206 -25.61 38.37 -16.47
CA LEU A 206 -24.21 38.41 -16.84
C LEU A 206 -23.34 38.84 -15.67
N GLY A 207 -22.11 38.32 -15.68
CA GLY A 207 -21.09 38.70 -14.71
C GLY A 207 -21.30 38.25 -13.26
N PHE A 208 -21.96 37.13 -13.07
CA PHE A 208 -22.29 36.69 -11.69
C PHE A 208 -21.42 35.53 -11.20
N TYR A 209 -21.31 35.44 -9.87
CA TYR A 209 -20.52 34.40 -9.22
C TYR A 209 -21.11 34.23 -7.85
N PRO A 210 -21.31 33.00 -7.33
CA PRO A 210 -21.08 31.70 -7.99
C PRO A 210 -22.08 31.38 -9.11
N ALA A 211 -21.95 30.21 -9.69
CA ALA A 211 -22.69 29.87 -10.92
C ALA A 211 -24.19 29.67 -10.70
N ASP A 212 -24.57 29.30 -9.46
CA ASP A 212 -25.98 29.00 -9.12
C ASP A 212 -26.86 30.21 -9.38
N ILE A 213 -27.95 30.02 -10.08
CA ILE A 213 -28.84 31.13 -10.45
C ILE A 213 -30.12 30.57 -10.95
N THR A 214 -31.18 31.33 -10.79
CA THR A 214 -32.47 30.93 -11.33
C THR A 214 -33.05 32.10 -12.08
N LEU A 215 -33.49 31.85 -13.32
CA LEU A 215 -34.22 32.81 -14.13
C LEU A 215 -35.60 32.28 -14.42
N THR A 216 -36.62 33.12 -14.29
CA THR A 216 -37.99 32.69 -14.54
C THR A 216 -38.69 33.76 -15.36
N TRP A 217 -39.65 33.32 -16.14
CA TRP A 217 -40.49 34.28 -16.86
C TRP A 217 -41.85 34.15 -16.28
N GLN A 218 -42.55 35.27 -16.28
CA GLN A 218 -43.93 35.24 -15.86
C GLN A 218 -44.84 36.17 -16.67
N LEU A 219 -46.12 35.82 -16.64
CA LEU A 219 -47.17 36.57 -17.25
C LEU A 219 -48.33 36.69 -16.29
N ASN A 220 -48.72 37.92 -16.03
CA ASN A 220 -49.87 38.24 -15.21
C ASN A 220 -49.82 37.49 -13.87
N GLY A 221 -48.60 37.44 -13.32
CA GLY A 221 -48.33 36.83 -12.03
C GLY A 221 -48.21 35.31 -11.99
N GLU A 222 -48.19 34.67 -13.14
CA GLU A 222 -48.02 33.25 -13.18
C GLU A 222 -46.68 32.96 -13.85
N GLU A 223 -45.92 32.08 -13.22
CA GLU A 223 -44.68 31.59 -13.79
C GLU A 223 -44.93 30.75 -15.02
N LEU A 224 -44.08 30.91 -16.03
CA LEU A 224 -44.26 30.19 -17.28
C LEU A 224 -43.44 28.88 -17.38
N THR A 225 -43.86 28.03 -18.32
CA THR A 225 -43.31 26.68 -18.58
C THR A 225 -43.16 26.38 -20.09
N GLN A 226 -44.24 26.53 -20.86
CA GLN A 226 -44.18 26.28 -22.31
C GLN A 226 -43.49 27.40 -23.05
N ASP A 227 -43.18 27.15 -24.32
CA ASP A 227 -42.57 28.12 -25.26
C ASP A 227 -41.22 28.69 -24.75
N MET A 228 -40.61 27.95 -23.82
CA MET A 228 -39.55 28.45 -22.97
C MET A 228 -38.22 27.76 -23.34
N GLU A 229 -37.10 28.43 -23.12
CA GLU A 229 -35.82 27.82 -23.40
C GLU A 229 -34.80 28.43 -22.49
N LEU A 230 -33.90 27.61 -22.03
CA LEU A 230 -32.95 27.97 -21.01
C LEU A 230 -31.63 27.50 -21.63
N VAL A 231 -30.53 28.25 -21.51
CA VAL A 231 -29.23 27.64 -21.85
C VAL A 231 -28.55 27.27 -20.55
N GLU A 232 -27.70 26.26 -20.64
CA GLU A 232 -26.85 25.86 -19.54
C GLU A 232 -25.98 27.09 -19.12
N THR A 233 -25.85 27.29 -17.80
CA THR A 233 -25.00 28.33 -17.25
C THR A 233 -23.57 28.09 -17.77
N ARG A 234 -22.90 29.19 -18.13
CA ARG A 234 -21.65 29.12 -18.94
C ARG A 234 -20.62 30.09 -18.36
N PRO A 235 -19.36 29.69 -18.30
CA PRO A 235 -18.36 30.66 -17.86
C PRO A 235 -18.07 31.78 -18.91
N ALA A 236 -17.85 32.99 -18.44
CA ALA A 236 -17.44 34.13 -19.28
C ALA A 236 -15.95 34.07 -19.56
N GLY A 237 -15.24 33.32 -18.70
CA GLY A 237 -13.82 33.07 -18.84
C GLY A 237 -12.97 33.85 -17.85
N ASP A 238 -13.60 34.82 -17.19
CA ASP A 238 -12.92 35.69 -16.27
C ASP A 238 -13.27 35.33 -14.83
N GLY A 239 -13.82 34.14 -14.57
CA GLY A 239 -14.27 33.75 -13.24
C GLY A 239 -15.76 34.06 -12.92
N THR A 240 -16.44 34.85 -13.76
CA THR A 240 -17.91 35.03 -13.66
C THR A 240 -18.66 34.14 -14.62
N PHE A 241 -19.98 34.11 -14.51
CA PHE A 241 -20.86 33.27 -15.33
C PHE A 241 -21.97 34.05 -16.05
N GLN A 242 -22.61 33.38 -17.00
CA GLN A 242 -23.66 33.94 -17.82
C GLN A 242 -24.78 32.91 -17.98
N LYS A 243 -26.00 33.39 -18.15
CA LYS A 243 -27.15 32.55 -18.49
C LYS A 243 -28.20 33.40 -19.15
N TRP A 244 -29.04 32.76 -19.96
CA TRP A 244 -30.27 33.37 -20.38
C TRP A 244 -31.42 32.39 -20.40
N ALA A 245 -32.62 32.98 -20.38
CA ALA A 245 -33.86 32.25 -20.50
C ALA A 245 -34.75 33.04 -21.45
N SER A 246 -35.48 32.33 -22.28
CA SER A 246 -36.32 32.98 -23.28
C SER A 246 -37.73 32.42 -23.23
N VAL A 247 -38.69 33.26 -23.66
CA VAL A 247 -40.05 32.85 -23.94
C VAL A 247 -40.44 33.40 -25.32
N VAL A 248 -41.28 32.68 -26.03
CA VAL A 248 -41.91 33.15 -27.28
C VAL A 248 -43.27 33.73 -26.93
N VAL A 249 -43.57 34.94 -27.39
CA VAL A 249 -44.79 35.67 -26.98
C VAL A 249 -45.45 36.32 -28.20
N PRO A 250 -46.72 36.72 -28.09
CA PRO A 250 -47.34 37.45 -29.20
C PRO A 250 -46.81 38.88 -29.32
N LEU A 251 -46.54 39.28 -30.56
CA LEU A 251 -46.23 40.69 -30.90
C LEU A 251 -47.38 41.62 -30.40
N GLY A 252 -47.01 42.70 -29.72
CA GLY A 252 -47.97 43.60 -29.08
C GLY A 252 -48.19 43.34 -27.58
N LYS A 253 -47.77 42.16 -27.10
CA LYS A 253 -47.97 41.78 -25.69
C LYS A 253 -46.68 41.65 -24.87
N GLU A 254 -45.56 42.02 -25.48
CA GLU A 254 -44.21 41.82 -24.90
C GLU A 254 -44.03 42.41 -23.51
N GLN A 255 -44.57 43.62 -23.33
CA GLN A 255 -44.37 44.33 -22.09
C GLN A 255 -45.19 43.75 -20.92
N ASN A 256 -46.11 42.82 -21.21
CA ASN A 256 -46.83 42.07 -20.16
C ASN A 256 -45.94 41.02 -19.46
N TYR A 257 -44.81 40.67 -20.03
CA TYR A 257 -43.97 39.59 -19.48
C TYR A 257 -42.86 40.15 -18.66
N THR A 258 -42.57 39.50 -17.54
CA THR A 258 -41.46 39.91 -16.68
C THR A 258 -40.58 38.69 -16.34
N CYS A 259 -39.30 39.01 -16.24
CA CYS A 259 -38.25 38.05 -15.99
C CYS A 259 -37.84 38.30 -14.55
N ARG A 260 -37.61 37.22 -13.78
CA ARG A 260 -37.06 37.38 -12.45
C ARG A 260 -35.74 36.66 -12.36
N VAL A 261 -34.78 37.29 -11.69
CA VAL A 261 -33.42 36.76 -11.53
C VAL A 261 -33.15 36.57 -10.03
N TYR A 262 -32.85 35.32 -9.70
CA TYR A 262 -32.59 34.92 -8.34
C TYR A 262 -31.15 34.55 -8.23
N HIS A 263 -30.44 35.28 -7.36
CA HIS A 263 -29.02 34.99 -7.15
C HIS A 263 -28.61 35.43 -5.74
N GLU A 264 -27.79 34.61 -5.07
CA GLU A 264 -27.36 34.86 -3.66
C GLU A 264 -26.63 36.18 -3.41
N GLY A 265 -25.91 36.69 -4.40
CA GLY A 265 -25.29 38.02 -4.36
C GLY A 265 -26.22 39.23 -4.29
N LEU A 266 -27.48 39.06 -4.67
CA LEU A 266 -28.43 40.15 -4.77
C LEU A 266 -29.01 40.48 -3.42
N PRO A 267 -29.30 41.78 -3.15
CA PRO A 267 -30.04 42.08 -1.94
C PRO A 267 -31.52 41.60 -2.02
N GLU A 268 -32.07 41.53 -3.24
CA GLU A 268 -33.35 40.87 -3.50
C GLU A 268 -33.38 40.46 -4.97
N PRO A 269 -34.32 39.59 -5.36
CA PRO A 269 -34.33 39.15 -6.78
C PRO A 269 -34.55 40.35 -7.73
N LEU A 270 -34.00 40.28 -8.93
CA LEU A 270 -34.23 41.34 -9.90
C LEU A 270 -35.54 41.04 -10.60
N THR A 271 -36.32 42.06 -10.88
CA THR A 271 -37.39 41.84 -11.80
C THR A 271 -37.26 42.86 -12.93
N LEU A 272 -37.47 42.38 -14.14
CA LEU A 272 -37.31 43.24 -15.30
C LEU A 272 -38.17 42.81 -16.44
N ARG A 273 -38.17 43.68 -17.45
CA ARG A 273 -39.12 43.61 -18.52
C ARG A 273 -38.40 44.13 -19.73
N TRP A 274 -38.89 43.79 -20.90
CA TRP A 274 -38.40 44.47 -22.09
C TRP A 274 -38.67 45.98 -21.93
N GLU A 275 -37.62 46.79 -22.12
CA GLU A 275 -37.73 48.25 -22.02
C GLU A 275 -37.23 48.82 -23.35
N PRO A 276 -38.16 49.03 -24.31
CA PRO A 276 -37.78 49.42 -25.68
C PRO A 276 -37.16 50.84 -25.78
N MET B 19 -18.01 -2.01 -20.39
CA MET B 19 -18.83 -0.76 -20.38
C MET B 19 -18.46 0.10 -21.62
N GLY B 20 -19.21 1.16 -22.01
CA GLY B 20 -20.40 1.66 -21.29
C GLY B 20 -21.22 2.67 -22.08
N ILE B 21 -21.24 3.92 -21.60
CA ILE B 21 -22.24 4.91 -22.00
C ILE B 21 -21.56 6.18 -22.51
N GLN B 22 -21.72 6.43 -23.82
CA GLN B 22 -21.26 7.67 -24.42
C GLN B 22 -22.27 8.79 -24.24
N LYS B 23 -21.77 10.03 -24.13
CA LYS B 23 -22.59 11.24 -24.10
C LYS B 23 -22.11 12.22 -25.16
N THR B 24 -23.07 12.85 -25.82
CA THR B 24 -22.83 13.75 -26.93
C THR B 24 -22.53 15.14 -26.44
N PRO B 25 -21.47 15.78 -26.96
CA PRO B 25 -21.13 17.09 -26.45
C PRO B 25 -22.18 18.16 -26.77
N GLN B 26 -22.39 19.06 -25.81
CA GLN B 26 -23.29 20.19 -25.92
C GLN B 26 -22.41 21.42 -26.03
N ILE B 27 -22.68 22.25 -27.02
CA ILE B 27 -21.73 23.29 -27.39
C ILE B 27 -22.41 24.64 -27.37
N GLN B 28 -21.79 25.63 -26.71
CA GLN B 28 -22.19 27.02 -26.88
C GLN B 28 -21.02 27.85 -27.32
N VAL B 29 -21.32 28.79 -28.25
CA VAL B 29 -20.32 29.74 -28.70
C VAL B 29 -20.85 31.12 -28.39
N TYR B 30 -20.05 31.93 -27.71
CA TYR B 30 -20.54 33.24 -27.24
C TYR B 30 -19.38 34.05 -26.79
N SER B 31 -19.61 35.35 -26.70
CA SER B 31 -18.53 36.26 -26.39
C SER B 31 -18.53 36.52 -24.92
N ARG B 32 -17.36 36.86 -24.40
CA ARG B 32 -17.26 37.19 -22.99
C ARG B 32 -18.02 38.47 -22.70
N HIS B 33 -17.81 39.53 -23.47
CA HIS B 33 -18.51 40.81 -23.26
C HIS B 33 -19.51 41.01 -24.40
N PRO B 34 -20.50 41.90 -24.22
CA PRO B 34 -21.45 42.15 -25.32
C PRO B 34 -20.70 42.54 -26.58
N PRO B 35 -21.05 41.95 -27.72
CA PRO B 35 -20.21 42.13 -28.90
C PRO B 35 -20.49 43.45 -29.57
N GLU B 36 -19.46 44.11 -30.09
CA GLU B 36 -19.65 45.30 -30.97
C GLU B 36 -18.61 45.19 -32.07
N ASN B 37 -19.03 45.43 -33.30
CA ASN B 37 -18.08 45.36 -34.41
C ASN B 37 -16.97 46.38 -34.20
N GLY B 38 -15.72 45.92 -34.30
CA GLY B 38 -14.56 46.73 -34.00
C GLY B 38 -14.04 46.78 -32.56
N LYS B 39 -14.76 46.32 -31.53
CA LYS B 39 -14.18 46.26 -30.14
C LYS B 39 -13.52 44.91 -29.90
N PRO B 40 -12.27 44.94 -29.39
CA PRO B 40 -11.60 43.67 -29.08
C PRO B 40 -12.42 42.91 -28.03
N ASN B 41 -12.50 41.58 -28.15
CA ASN B 41 -13.36 40.76 -27.27
C ASN B 41 -12.80 39.33 -27.15
N ILE B 42 -13.42 38.47 -26.33
CA ILE B 42 -13.00 37.03 -26.21
C ILE B 42 -14.15 36.20 -26.73
N LEU B 43 -13.87 35.31 -27.67
CA LEU B 43 -14.84 34.29 -28.10
C LEU B 43 -14.61 33.01 -27.30
N ASN B 44 -15.68 32.52 -26.69
CA ASN B 44 -15.73 31.27 -25.95
C ASN B 44 -16.43 30.18 -26.71
N CYS B 45 -15.90 28.97 -26.61
CA CYS B 45 -16.61 27.75 -26.98
C CYS B 45 -16.64 26.80 -25.77
N TYR B 46 -17.85 26.63 -25.22
CA TYR B 46 -18.07 25.90 -24.01
C TYR B 46 -18.67 24.59 -24.38
N VAL B 47 -17.96 23.52 -24.09
CA VAL B 47 -18.37 22.18 -24.50
C VAL B 47 -18.57 21.34 -23.24
N THR B 48 -19.78 20.80 -23.07
CA THR B 48 -20.14 20.06 -21.87
C THR B 48 -20.80 18.72 -22.19
N GLN B 49 -20.97 17.93 -21.14
CA GLN B 49 -21.82 16.76 -21.16
C GLN B 49 -21.32 15.71 -22.06
N PHE B 50 -20.00 15.59 -22.21
CA PHE B 50 -19.50 14.59 -23.12
C PHE B 50 -18.74 13.48 -22.38
N HIS B 51 -18.72 12.32 -23.02
CA HIS B 51 -18.03 11.17 -22.52
C HIS B 51 -17.89 10.21 -23.71
N PRO B 52 -16.71 9.70 -24.01
CA PRO B 52 -15.47 9.82 -23.24
C PRO B 52 -14.79 11.20 -23.30
N PRO B 53 -13.75 11.41 -22.45
CA PRO B 53 -13.11 12.72 -22.38
C PRO B 53 -12.30 13.16 -23.60
N HIS B 54 -11.87 12.22 -24.42
CA HIS B 54 -11.15 12.53 -25.69
C HIS B 54 -12.03 13.33 -26.63
N ILE B 55 -11.58 14.51 -26.98
CA ILE B 55 -12.34 15.39 -27.81
C ILE B 55 -11.40 16.29 -28.58
N GLU B 56 -11.84 16.74 -29.74
CA GLU B 56 -11.08 17.72 -30.50
C GLU B 56 -11.93 18.95 -30.68
N ILE B 57 -11.35 20.13 -30.44
CA ILE B 57 -12.13 21.39 -30.47
C ILE B 57 -11.33 22.41 -31.21
N GLN B 58 -11.89 22.96 -32.28
CA GLN B 58 -11.30 24.06 -33.02
C GLN B 58 -12.25 25.25 -33.01
N MET B 59 -11.66 26.43 -32.99
CA MET B 59 -12.41 27.64 -33.29
C MET B 59 -12.03 28.08 -34.69
N LEU B 60 -13.04 28.48 -35.45
CA LEU B 60 -12.90 28.75 -36.85
C LEU B 60 -13.32 30.18 -37.13
N LYS B 61 -12.62 30.81 -38.07
CA LYS B 61 -12.99 32.11 -38.63
C LYS B 61 -13.06 31.96 -40.15
N ASN B 62 -14.22 32.26 -40.72
CA ASN B 62 -14.50 32.01 -42.14
C ASN B 62 -14.23 30.58 -42.59
N GLY B 63 -14.45 29.65 -41.67
CA GLY B 63 -14.21 28.25 -41.92
C GLY B 63 -12.75 27.81 -41.78
N LYS B 64 -11.86 28.73 -41.40
CA LYS B 64 -10.44 28.45 -41.24
C LYS B 64 -10.00 28.42 -39.76
N LYS B 65 -9.27 27.37 -39.38
CA LYS B 65 -8.79 27.21 -37.98
C LYS B 65 -8.15 28.50 -37.46
N ILE B 66 -8.54 28.95 -36.28
CA ILE B 66 -7.86 30.06 -35.62
C ILE B 66 -6.68 29.45 -34.86
N PRO B 67 -5.47 30.01 -35.03
CA PRO B 67 -4.35 29.48 -34.23
C PRO B 67 -4.39 30.05 -32.80
N LYS B 68 -3.67 29.41 -31.90
CA LYS B 68 -3.47 29.95 -30.55
C LYS B 68 -4.74 30.01 -29.70
N VAL B 69 -5.73 29.18 -29.99
CA VAL B 69 -6.92 29.01 -29.14
C VAL B 69 -6.42 28.41 -27.81
N GLU B 70 -6.82 28.99 -26.68
CA GLU B 70 -6.45 28.46 -25.36
C GLU B 70 -7.53 27.50 -24.87
N MET B 71 -7.12 26.48 -24.13
CA MET B 71 -8.04 25.47 -23.64
C MET B 71 -7.95 25.51 -22.11
N SER B 72 -9.09 25.60 -21.43
CA SER B 72 -9.07 25.45 -19.98
C SER B 72 -8.67 24.02 -19.57
N ASP B 73 -8.42 23.84 -18.28
CA ASP B 73 -8.45 22.53 -17.70
C ASP B 73 -9.82 21.85 -17.92
N MET B 74 -9.80 20.53 -18.06
CA MET B 74 -11.01 19.76 -18.18
C MET B 74 -11.45 19.36 -16.77
N SER B 75 -12.74 19.25 -16.58
CA SER B 75 -13.35 18.89 -15.32
C SER B 75 -14.50 17.92 -15.67
N PHE B 76 -15.03 17.25 -14.65
CA PHE B 76 -16.21 16.47 -14.85
C PHE B 76 -17.26 16.71 -13.79
N SER B 77 -18.51 16.40 -14.18
CA SER B 77 -19.72 16.63 -13.39
C SER B 77 -20.17 15.39 -12.63
N LYS B 78 -21.15 15.55 -11.73
CA LYS B 78 -21.55 14.43 -10.88
C LYS B 78 -22.26 13.29 -11.66
N ASP B 79 -22.66 13.54 -12.91
CA ASP B 79 -23.13 12.47 -13.79
C ASP B 79 -21.96 11.81 -14.56
N TRP B 80 -20.72 12.21 -14.26
CA TRP B 80 -19.47 11.66 -14.84
C TRP B 80 -19.04 12.35 -16.13
N SER B 81 -19.91 13.19 -16.72
CA SER B 81 -19.66 13.78 -18.00
C SER B 81 -18.66 14.92 -17.86
N PHE B 82 -17.85 15.09 -18.87
CA PHE B 82 -16.79 16.12 -18.92
C PHE B 82 -17.20 17.48 -19.46
N TYR B 83 -16.42 18.50 -19.09
CA TYR B 83 -16.63 19.80 -19.66
C TYR B 83 -15.34 20.58 -19.74
N ILE B 84 -15.27 21.48 -20.69
CA ILE B 84 -14.08 22.28 -20.95
C ILE B 84 -14.44 23.58 -21.68
N LEU B 85 -13.60 24.59 -21.55
CA LEU B 85 -13.78 25.87 -22.21
C LEU B 85 -12.60 26.15 -23.16
N ALA B 86 -12.90 26.37 -24.43
CA ALA B 86 -11.98 26.90 -25.40
C ALA B 86 -12.24 28.37 -25.58
N HIS B 87 -11.18 29.16 -25.71
CA HIS B 87 -11.35 30.59 -25.90
C HIS B 87 -10.24 31.18 -26.76
N THR B 88 -10.59 32.26 -27.46
CA THR B 88 -9.65 33.01 -28.24
C THR B 88 -10.01 34.49 -28.29
N GLU B 89 -9.00 35.35 -28.44
CA GLU B 89 -9.23 36.78 -28.64
C GLU B 89 -9.85 36.97 -30.02
N PHE B 90 -10.77 37.91 -30.15
CA PHE B 90 -11.35 38.22 -31.46
C PHE B 90 -11.95 39.63 -31.49
N THR B 91 -12.13 40.14 -32.69
CA THR B 91 -12.73 41.44 -32.90
C THR B 91 -13.80 41.20 -33.94
N PRO B 92 -15.06 41.10 -33.49
CA PRO B 92 -16.14 40.80 -34.44
C PRO B 92 -16.33 41.91 -35.48
N THR B 93 -16.89 41.53 -36.63
CA THR B 93 -17.18 42.46 -37.72
C THR B 93 -18.52 42.02 -38.34
N GLU B 94 -19.10 42.84 -39.20
CA GLU B 94 -20.30 42.45 -39.97
C GLU B 94 -20.04 41.24 -40.84
N THR B 95 -18.84 41.24 -41.41
CA THR B 95 -18.46 40.33 -42.48
C THR B 95 -18.01 38.90 -42.03
N ASP B 96 -17.26 38.82 -40.92
CA ASP B 96 -16.53 37.56 -40.54
C ASP B 96 -17.45 36.56 -39.82
N THR B 97 -17.43 35.28 -40.24
CA THR B 97 -18.13 34.24 -39.50
C THR B 97 -17.15 33.62 -38.50
N TYR B 98 -17.71 33.21 -37.39
CA TYR B 98 -16.97 32.51 -36.34
C TYR B 98 -17.73 31.27 -35.99
N ALA B 99 -16.97 30.25 -35.64
CA ALA B 99 -17.58 29.00 -35.25
C ALA B 99 -16.69 28.19 -34.32
N CYS B 100 -17.30 27.17 -33.77
CA CYS B 100 -16.58 26.15 -33.03
C CYS B 100 -16.91 24.81 -33.65
N ARG B 101 -15.89 23.99 -33.90
CA ARG B 101 -16.09 22.66 -34.50
C ARG B 101 -15.56 21.61 -33.57
N VAL B 102 -16.32 20.54 -33.35
CA VAL B 102 -16.02 19.53 -32.37
C VAL B 102 -16.13 18.14 -32.97
N LYS B 103 -15.11 17.33 -32.71
CA LYS B 103 -15.14 15.94 -33.06
C LYS B 103 -15.05 15.11 -31.81
N HIS B 104 -15.91 14.09 -31.74
CA HIS B 104 -16.06 13.24 -30.56
C HIS B 104 -16.70 11.92 -31.01
N ASP B 105 -16.35 10.83 -30.34
CA ASP B 105 -16.82 9.51 -30.82
C ASP B 105 -18.33 9.25 -30.70
N SER B 106 -19.03 10.04 -29.90
CA SER B 106 -20.49 9.96 -29.82
C SER B 106 -21.18 10.35 -31.14
N MET B 107 -20.46 11.03 -32.04
CA MET B 107 -21.07 11.55 -33.28
C MET B 107 -20.43 10.98 -34.52
N ALA B 108 -21.26 10.63 -35.49
CA ALA B 108 -20.78 10.15 -36.79
C ALA B 108 -19.78 11.14 -37.40
N GLU B 109 -20.15 12.42 -37.39
CA GLU B 109 -19.42 13.48 -38.06
C GLU B 109 -19.14 14.60 -37.05
N PRO B 110 -18.16 15.48 -37.33
CA PRO B 110 -17.97 16.69 -36.52
C PRO B 110 -19.19 17.56 -36.44
N LYS B 111 -19.36 18.29 -35.35
CA LYS B 111 -20.45 19.24 -35.19
C LYS B 111 -19.82 20.62 -35.27
N THR B 112 -20.37 21.49 -36.10
CA THR B 112 -19.93 22.88 -36.18
C THR B 112 -21.04 23.79 -35.69
N VAL B 113 -20.77 24.66 -34.72
CA VAL B 113 -21.76 25.62 -34.19
C VAL B 113 -21.20 27.01 -34.47
N TYR B 114 -21.98 27.78 -35.23
CA TYR B 114 -21.64 29.14 -35.59
C TYR B 114 -21.95 30.06 -34.45
N TRP B 115 -21.11 31.05 -34.25
CA TRP B 115 -21.43 32.10 -33.31
C TRP B 115 -22.67 32.91 -33.79
N ASP B 116 -23.67 33.02 -32.93
CA ASP B 116 -24.83 33.88 -33.09
C ASP B 116 -24.73 34.88 -31.95
N ARG B 117 -24.59 36.15 -32.28
CA ARG B 117 -24.35 37.20 -31.26
C ARG B 117 -25.54 37.46 -30.32
N ASP B 118 -26.69 36.90 -30.63
CA ASP B 118 -27.89 37.06 -29.81
C ASP B 118 -28.08 35.89 -28.86
N MET B 119 -27.09 35.02 -28.75
CA MET B 119 -27.26 33.82 -27.97
C MET B 119 -26.08 33.54 -27.06
N GLN C 9 14.71 8.21 13.14
CA GLN C 9 13.86 7.02 12.75
C GLN C 9 12.46 7.12 13.39
N GLN C 10 11.48 6.68 12.65
CA GLN C 10 10.13 7.14 12.81
C GLN C 10 9.29 6.19 13.65
N VAL C 11 9.69 4.91 13.71
CA VAL C 11 9.02 3.88 14.49
C VAL C 11 10.07 3.28 15.38
N ARG C 12 9.88 3.39 16.69
CA ARG C 12 10.87 3.06 17.70
C ARG C 12 10.33 1.80 18.39
N GLN C 13 11.06 0.69 18.26
CA GLN C 13 10.61 -0.57 18.83
C GLN C 13 11.68 -1.13 19.77
N SER C 14 11.29 -1.34 21.02
CA SER C 14 12.13 -1.92 22.09
C SER C 14 11.30 -2.93 22.86
N PRO C 15 11.90 -3.93 23.55
CA PRO C 15 13.34 -4.16 23.58
C PRO C 15 13.79 -4.96 22.36
N GLN C 16 15.11 -5.18 22.23
CA GLN C 16 15.61 -6.03 21.17
C GLN C 16 15.05 -7.43 21.31
N SER C 17 15.08 -7.98 22.51
CA SER C 17 14.43 -9.25 22.79
C SER C 17 13.84 -9.20 24.18
N LEU C 18 12.89 -10.11 24.39
CA LEU C 18 12.14 -10.23 25.62
C LEU C 18 11.74 -11.68 25.78
N THR C 19 11.81 -12.17 27.03
CA THR C 19 11.25 -13.45 27.42
C THR C 19 10.04 -13.25 28.34
N VAL C 20 9.01 -14.06 28.07
CA VAL C 20 7.83 -14.08 28.91
C VAL C 20 7.55 -15.55 29.24
N TRP C 21 7.12 -15.78 30.49
CA TRP C 21 6.81 -17.13 30.96
C TRP C 21 5.56 -17.61 30.24
N GLU C 22 5.49 -18.92 29.99
CA GLU C 22 4.37 -19.54 29.30
C GLU C 22 3.11 -19.34 30.13
N GLY C 23 2.02 -19.03 29.46
CA GLY C 23 0.77 -18.65 30.13
C GLY C 23 0.62 -17.19 30.56
N GLY C 24 1.73 -16.46 30.66
CA GLY C 24 1.67 -15.03 30.96
C GLY C 24 1.16 -14.21 29.76
N THR C 25 0.96 -12.92 30.00
CA THR C 25 0.56 -12.01 28.94
C THR C 25 1.83 -11.29 28.47
N THR C 26 2.14 -11.40 27.19
CA THR C 26 3.25 -10.59 26.68
C THR C 26 2.69 -9.26 26.14
N VAL C 27 3.38 -8.18 26.54
CA VAL C 27 3.10 -6.84 26.13
C VAL C 27 4.32 -6.33 25.36
N LEU C 28 4.11 -6.07 24.08
CA LEU C 28 5.09 -5.47 23.18
C LEU C 28 4.61 -4.07 22.84
N THR C 29 5.50 -3.09 22.92
CA THR C 29 5.13 -1.73 22.61
C THR C 29 6.08 -1.12 21.57
N CYS C 30 5.54 -0.12 20.87
CA CYS C 30 6.28 0.75 19.98
C CYS C 30 5.81 2.17 20.13
N SER C 31 6.67 3.10 19.74
CA SER C 31 6.32 4.51 19.67
C SER C 31 6.63 4.96 18.25
N TYR C 32 5.96 6.02 17.82
CA TYR C 32 6.15 6.62 16.51
C TYR C 32 6.20 8.14 16.60
N GLU C 33 6.87 8.76 15.62
CA GLU C 33 7.10 10.20 15.62
C GLU C 33 6.00 10.98 14.87
N ASP C 34 5.62 10.50 13.69
CA ASP C 34 4.68 11.21 12.80
C ASP C 34 3.26 11.05 13.33
N SER C 35 2.75 12.10 13.94
CA SER C 35 1.36 12.06 14.44
C SER C 35 0.29 11.85 13.32
N THR C 36 0.63 12.04 12.05
CA THR C 36 -0.37 11.82 10.99
C THR C 36 -0.47 10.33 10.59
N PHE C 37 0.42 9.46 11.10
CA PHE C 37 0.38 8.02 10.74
C PHE C 37 -1.00 7.49 11.09
N ASN C 38 -1.63 6.73 10.19
CA ASN C 38 -2.99 6.28 10.43
C ASN C 38 -3.31 4.83 10.16
N TYR C 39 -2.27 4.02 9.90
CA TYR C 39 -2.41 2.58 9.67
C TYR C 39 -1.20 1.91 10.28
N PHE C 40 -1.49 0.90 11.11
CA PHE C 40 -0.48 0.31 11.98
C PHE C 40 -0.60 -1.21 11.96
N PRO C 41 0.17 -1.88 11.06
CA PRO C 41 0.15 -3.33 11.03
C PRO C 41 1.30 -3.90 11.85
N TRP C 42 1.11 -5.10 12.37
CA TRP C 42 2.17 -5.86 13.03
C TRP C 42 2.45 -7.06 12.18
N TYR C 43 3.75 -7.37 12.00
CA TYR C 43 4.15 -8.54 11.27
C TYR C 43 4.91 -9.49 12.26
N GLN C 44 4.66 -10.78 12.11
CA GLN C 44 5.28 -11.83 12.90
C GLN C 44 6.24 -12.60 11.99
N GLN C 45 7.47 -12.85 12.46
CA GLN C 45 8.44 -13.59 11.66
C GLN C 45 9.00 -14.74 12.51
N PHE C 46 8.73 -15.96 12.07
CA PHE C 46 9.24 -17.13 12.73
C PHE C 46 10.65 -17.42 12.17
N PRO C 47 11.53 -18.04 12.98
CA PRO C 47 12.91 -18.32 12.53
C PRO C 47 12.94 -19.10 11.19
N GLY C 48 13.87 -18.74 10.31
CA GLY C 48 13.94 -19.32 8.98
C GLY C 48 12.80 -19.03 8.00
N GLU C 49 11.87 -18.16 8.35
CA GLU C 49 10.75 -17.83 7.46
C GLU C 49 10.71 -16.30 7.26
N GLY C 50 9.80 -15.86 6.40
CA GLY C 50 9.64 -14.44 6.19
C GLY C 50 8.56 -13.85 7.07
N PRO C 51 8.61 -12.54 7.27
CA PRO C 51 7.50 -11.91 8.01
C PRO C 51 6.13 -12.13 7.35
N ALA C 52 5.09 -12.14 8.16
CA ALA C 52 3.71 -12.32 7.69
C ALA C 52 2.78 -11.44 8.55
N LEU C 53 1.79 -10.82 7.89
CA LEU C 53 0.89 -9.88 8.56
C LEU C 53 0.19 -10.59 9.69
N LEU C 54 0.28 -10.04 10.89
CA LEU C 54 -0.37 -10.68 12.05
C LEU C 54 -1.72 -10.02 12.30
N ILE C 55 -1.70 -8.71 12.49
CA ILE C 55 -2.95 -7.98 12.81
C ILE C 55 -2.70 -6.54 12.47
N SER C 56 -3.74 -5.76 12.22
CA SER C 56 -3.55 -4.35 11.97
C SER C 56 -4.69 -3.52 12.51
N ILE C 57 -4.45 -2.23 12.65
CA ILE C 57 -5.46 -1.31 13.19
C ILE C 57 -5.35 0.05 12.52
N LEU C 58 -6.50 0.66 12.31
CA LEU C 58 -6.57 2.02 11.87
C LEU C 58 -6.65 3.00 13.03
N SER C 59 -6.11 4.22 12.82
CA SER C 59 -6.10 5.26 13.87
C SER C 59 -7.47 5.72 14.40
N VAL C 60 -8.56 5.48 13.67
CA VAL C 60 -9.94 5.73 14.18
C VAL C 60 -10.33 4.72 15.28
N SER C 61 -9.62 3.59 15.41
CA SER C 61 -9.90 2.65 16.48
C SER C 61 -8.88 2.69 17.62
N ASP C 62 -9.33 2.19 18.77
CA ASP C 62 -8.55 1.96 19.99
C ASP C 62 -7.93 0.60 20.03
N LYS C 63 -8.64 -0.41 19.55
CA LYS C 63 -8.17 -1.78 19.70
C LYS C 63 -8.69 -2.68 18.60
N LYS C 64 -7.97 -3.74 18.33
CA LYS C 64 -8.41 -4.80 17.43
C LYS C 64 -7.95 -6.12 18.06
N GLU C 65 -8.86 -7.08 18.11
CA GLU C 65 -8.64 -8.37 18.77
C GLU C 65 -8.83 -9.45 17.70
N ASP C 66 -7.97 -10.46 17.70
CA ASP C 66 -8.19 -11.66 16.90
C ASP C 66 -7.61 -12.87 17.65
N GLY C 67 -8.50 -13.68 18.24
CA GLY C 67 -8.10 -14.79 19.11
C GLY C 67 -7.34 -14.27 20.32
N ARG C 68 -6.12 -14.79 20.52
CA ARG C 68 -5.32 -14.41 21.68
C ARG C 68 -4.54 -13.11 21.51
N PHE C 69 -4.55 -12.54 20.31
CA PHE C 69 -3.79 -11.33 20.00
C PHE C 69 -4.69 -10.10 20.06
N THR C 70 -4.24 -9.06 20.76
CA THR C 70 -4.86 -7.74 20.68
C THR C 70 -3.82 -6.66 20.43
N THR C 71 -4.10 -5.79 19.43
CA THR C 71 -3.38 -4.54 19.29
C THR C 71 -4.15 -3.39 19.87
N PHE C 72 -3.43 -2.45 20.48
CA PHE C 72 -3.99 -1.25 21.10
C PHE C 72 -3.28 -0.06 20.48
N PHE C 73 -4.02 1.01 20.21
CA PHE C 73 -3.46 2.20 19.63
C PHE C 73 -3.85 3.31 20.56
N ASN C 74 -2.87 4.14 20.90
CA ASN C 74 -3.05 5.31 21.75
C ASN C 74 -2.47 6.51 21.02
N LYS C 75 -3.37 7.31 20.43
CA LYS C 75 -2.97 8.42 19.62
C LYS C 75 -2.29 9.47 20.45
N ARG C 76 -2.81 9.72 21.65
CA ARG C 76 -2.33 10.85 22.43
C ARG C 76 -0.85 10.71 22.73
N GLU C 77 -0.41 9.52 23.15
CA GLU C 77 1.01 9.29 23.42
C GLU C 77 1.80 8.69 22.26
N LYS C 78 1.15 8.51 21.12
CA LYS C 78 1.77 8.00 19.91
C LYS C 78 2.48 6.67 20.21
N LYS C 79 1.69 5.76 20.74
CA LYS C 79 2.12 4.45 21.21
C LYS C 79 1.21 3.40 20.64
N LEU C 80 1.78 2.29 20.24
CA LEU C 80 1.06 1.15 19.72
C LEU C 80 1.53 -0.02 20.57
N SER C 81 0.65 -0.96 20.87
CA SER C 81 1.11 -2.14 21.53
C SER C 81 0.42 -3.39 21.05
N LEU C 82 1.03 -4.54 21.35
CA LEU C 82 0.51 -5.86 21.02
C LEU C 82 0.49 -6.70 22.29
N HIS C 83 -0.69 -7.20 22.65
CA HIS C 83 -0.84 -8.05 23.82
C HIS C 83 -1.10 -9.44 23.34
N ILE C 84 -0.37 -10.39 23.92
CA ILE C 84 -0.63 -11.80 23.70
C ILE C 84 -0.99 -12.49 25.04
N ILE C 85 -2.25 -12.92 25.14
CA ILE C 85 -2.76 -13.61 26.34
C ILE C 85 -2.45 -15.11 26.26
N ASP C 86 -2.26 -15.73 27.41
CA ASP C 86 -1.86 -17.13 27.48
C ASP C 86 -0.73 -17.47 26.46
N SER C 87 0.42 -16.83 26.65
CA SER C 87 1.52 -16.97 25.67
C SER C 87 2.01 -18.43 25.54
N GLN C 88 2.12 -18.92 24.30
CA GLN C 88 2.52 -20.30 23.98
C GLN C 88 3.95 -20.27 23.48
N PRO C 89 4.68 -21.40 23.65
CA PRO C 89 6.00 -21.52 23.00
C PRO C 89 5.92 -21.26 21.47
N GLY C 90 4.82 -21.64 20.85
CA GLY C 90 4.59 -21.40 19.43
C GLY C 90 4.44 -19.93 19.01
N ASP C 91 4.29 -19.03 19.97
CA ASP C 91 4.33 -17.57 19.74
C ASP C 91 5.75 -16.99 19.71
N SER C 92 6.77 -17.84 19.95
CA SER C 92 8.16 -17.38 19.87
C SER C 92 8.48 -16.99 18.43
N ALA C 93 8.86 -15.73 18.25
CA ALA C 93 9.01 -15.14 16.92
C ALA C 93 9.48 -13.72 17.09
N THR C 94 9.91 -13.10 15.99
CA THR C 94 10.19 -11.65 15.99
C THR C 94 8.91 -10.91 15.60
N TYR C 95 8.56 -9.89 16.36
CA TYR C 95 7.37 -9.09 16.08
C TYR C 95 7.81 -7.72 15.65
N PHE C 96 7.31 -7.28 14.50
CA PHE C 96 7.61 -6.00 13.92
C PHE C 96 6.35 -5.15 13.99
N CYS C 97 6.43 -4.00 14.65
CA CYS C 97 5.41 -2.97 14.48
C CYS C 97 5.77 -2.15 13.25
N ALA C 98 4.77 -1.46 12.71
CA ALA C 98 4.95 -0.68 11.56
C ALA C 98 3.90 0.43 11.54
N ALA C 99 4.17 1.46 10.75
CA ALA C 99 3.23 2.58 10.63
C ALA C 99 3.36 3.21 9.29
N LEU C 100 2.27 3.79 8.82
CA LEU C 100 2.30 4.65 7.69
C LEU C 100 1.08 5.58 7.66
N TYR C 101 1.19 6.56 6.77
CA TYR C 101 0.10 7.48 6.44
C TYR C 101 -0.36 7.21 5.00
N GLY C 102 -1.65 7.12 4.80
CA GLY C 102 -2.20 7.16 3.46
C GLY C 102 -1.74 5.98 2.59
N ASN C 103 -1.12 6.24 1.45
CA ASN C 103 -0.50 5.22 0.62
C ASN C 103 1.00 5.32 0.61
N GLU C 104 1.56 6.02 1.59
CA GLU C 104 3.00 6.15 1.70
C GLU C 104 3.63 4.80 2.09
N LYS C 105 4.91 4.65 1.81
CA LYS C 105 5.58 3.37 2.13
C LYS C 105 5.61 3.08 3.60
N ILE C 106 5.43 1.82 3.93
CA ILE C 106 5.48 1.30 5.31
C ILE C 106 6.81 1.61 6.01
N THR C 107 6.77 2.02 7.27
CA THR C 107 7.99 2.11 8.09
C THR C 107 7.92 1.01 9.11
N PHE C 108 8.92 0.14 9.12
CA PHE C 108 9.03 -0.94 10.13
C PHE C 108 9.92 -0.57 11.31
N GLY C 109 9.49 -0.98 12.51
CA GLY C 109 10.37 -0.99 13.65
C GLY C 109 11.53 -1.99 13.42
N ALA C 110 12.45 -2.03 14.36
CA ALA C 110 13.57 -2.98 14.31
C ALA C 110 13.23 -4.40 14.71
N GLY C 111 12.09 -4.60 15.34
CA GLY C 111 11.58 -5.91 15.66
C GLY C 111 11.99 -6.27 17.07
N THR C 112 11.08 -6.94 17.77
CA THR C 112 11.39 -7.54 19.08
C THR C 112 11.33 -9.08 18.99
N LYS C 113 12.44 -9.74 19.32
CA LYS C 113 12.49 -11.21 19.36
C LYS C 113 11.88 -11.70 20.64
N LEU C 114 10.75 -12.40 20.51
CA LEU C 114 10.03 -12.93 21.67
C LEU C 114 10.34 -14.40 21.83
N THR C 115 10.72 -14.79 23.03
CA THR C 115 10.84 -16.20 23.32
C THR C 115 9.91 -16.43 24.53
N ILE C 116 9.00 -17.41 24.34
CA ILE C 116 8.15 -17.86 25.46
C ILE C 116 8.76 -19.13 26.01
N LYS C 117 9.07 -19.12 27.31
CA LYS C 117 9.60 -20.30 27.98
C LYS C 117 8.75 -20.79 29.13
N PRO C 118 8.70 -22.13 29.30
CA PRO C 118 8.16 -22.68 30.52
C PRO C 118 9.01 -22.32 31.73
N ASN C 119 8.32 -22.04 32.82
CA ASN C 119 8.91 -21.93 34.13
C ASN C 119 8.73 -23.30 34.81
N ILE C 120 9.80 -24.05 34.99
CA ILE C 120 9.70 -25.46 35.45
C ILE C 120 9.43 -25.49 36.94
N GLN C 121 8.47 -26.31 37.34
CA GLN C 121 7.96 -26.25 38.72
C GLN C 121 8.30 -27.45 39.65
N ASN C 122 8.95 -28.49 39.11
CA ASN C 122 9.50 -29.60 39.92
C ASN C 122 10.88 -29.97 39.39
N PRO C 123 11.88 -29.09 39.62
CA PRO C 123 13.21 -29.29 39.06
C PRO C 123 14.05 -30.34 39.82
N GLU C 124 14.64 -31.30 39.11
CA GLU C 124 15.62 -32.28 39.67
C GLU C 124 16.93 -32.22 38.89
N PRO C 125 17.79 -31.20 39.17
CA PRO C 125 18.93 -30.98 38.26
C PRO C 125 19.89 -32.17 38.26
N ALA C 126 20.40 -32.54 37.10
CA ALA C 126 21.44 -33.59 37.08
C ALA C 126 22.41 -33.32 35.98
N VAL C 127 23.56 -33.94 36.13
CA VAL C 127 24.62 -33.80 35.16
C VAL C 127 25.01 -35.21 34.69
N TYR C 128 25.10 -35.39 33.37
CA TYR C 128 25.42 -36.69 32.77
C TYR C 128 26.52 -36.56 31.74
N GLN C 129 27.28 -37.63 31.58
CA GLN C 129 28.27 -37.72 30.50
C GLN C 129 27.71 -38.65 29.42
N LEU C 130 27.89 -38.26 28.17
CA LEU C 130 27.47 -39.03 27.02
C LEU C 130 28.68 -39.26 26.12
N LYS C 131 28.61 -40.38 25.42
CA LYS C 131 29.68 -40.83 24.54
C LYS C 131 29.23 -40.92 23.10
N ASP C 132 30.12 -40.54 22.22
CA ASP C 132 29.98 -40.74 20.80
C ASP C 132 30.64 -42.07 20.41
N PRO C 133 29.71 -42.99 19.95
CA PRO C 133 30.30 -44.31 19.69
C PRO C 133 31.17 -44.43 18.43
N ARG C 134 31.11 -43.45 17.55
CA ARG C 134 31.89 -43.47 16.33
C ARG C 134 33.22 -42.78 16.58
N SER C 135 33.59 -42.70 17.84
CA SER C 135 34.81 -42.06 18.26
C SER C 135 35.61 -42.91 19.24
N GLN C 136 36.88 -42.59 19.31
CA GLN C 136 37.78 -43.24 20.23
C GLN C 136 37.39 -42.92 21.65
N ASP C 137 37.46 -41.64 22.01
CA ASP C 137 37.38 -41.19 23.42
C ASP C 137 36.51 -39.94 23.58
N SER C 138 35.59 -39.70 22.66
CA SER C 138 34.88 -38.42 22.61
C SER C 138 33.64 -38.43 23.48
N THR C 139 33.60 -37.51 24.42
CA THR C 139 32.47 -37.37 25.32
C THR C 139 31.97 -35.92 25.45
N LEU C 140 30.74 -35.77 25.90
CA LEU C 140 30.23 -34.46 26.30
C LEU C 140 29.39 -34.56 27.58
N CYS C 141 29.08 -33.38 28.15
CA CYS C 141 28.35 -33.22 29.39
C CYS C 141 26.99 -32.56 29.16
N LEU C 142 25.93 -33.18 29.71
CA LEU C 142 24.59 -32.67 29.66
C LEU C 142 24.15 -32.27 31.07
N PHE C 143 23.69 -31.04 31.20
CA PHE C 143 23.13 -30.52 32.45
C PHE C 143 21.64 -30.40 32.16
N THR C 144 20.80 -31.17 32.85
CA THR C 144 19.38 -31.24 32.49
C THR C 144 18.45 -31.12 33.73
N ASP C 145 17.19 -30.69 33.50
CA ASP C 145 16.14 -30.65 34.53
C ASP C 145 16.44 -29.67 35.69
N PHE C 146 17.22 -28.64 35.40
CA PHE C 146 17.54 -27.62 36.39
C PHE C 146 16.45 -26.53 36.32
N ASP C 147 16.34 -25.69 37.36
CA ASP C 147 15.21 -24.74 37.43
C ASP C 147 15.45 -23.52 36.53
N SER C 148 14.36 -22.87 36.13
CA SER C 148 14.40 -21.77 35.15
C SER C 148 15.04 -20.47 35.67
N GLN C 149 15.30 -20.39 36.97
CA GLN C 149 15.90 -19.21 37.60
C GLN C 149 17.40 -19.17 37.34
N ILE C 150 18.08 -20.30 37.56
CA ILE C 150 19.54 -20.30 37.61
C ILE C 150 20.24 -19.95 36.27
N ASN C 151 21.41 -19.33 36.42
CA ASN C 151 22.29 -19.00 35.30
C ASN C 151 23.16 -20.17 34.96
N VAL C 152 23.13 -20.57 33.70
CA VAL C 152 24.01 -21.61 33.25
C VAL C 152 25.41 -20.96 33.17
N PRO C 153 26.43 -21.56 33.85
CA PRO C 153 27.74 -20.92 33.77
C PRO C 153 28.25 -20.87 32.34
N LYS C 154 29.09 -19.89 32.07
CA LYS C 154 29.75 -19.78 30.79
C LYS C 154 31.22 -20.18 30.98
N THR C 155 31.86 -20.62 29.91
CA THR C 155 33.22 -21.17 29.99
C THR C 155 34.23 -20.18 30.55
N MET C 156 35.05 -20.65 31.49
CA MET C 156 36.14 -19.86 32.07
C MET C 156 37.46 -20.37 31.51
N GLU C 157 37.47 -20.79 30.24
CA GLU C 157 38.65 -21.42 29.67
C GLU C 157 38.52 -21.53 28.17
N SER C 158 39.57 -21.13 27.48
CA SER C 158 39.74 -21.44 26.07
C SER C 158 39.75 -22.96 25.88
N GLY C 159 39.09 -23.46 24.84
CA GLY C 159 39.11 -24.89 24.55
C GLY C 159 37.88 -25.65 25.04
N THR C 160 37.16 -25.09 26.02
CA THR C 160 35.91 -25.72 26.51
C THR C 160 34.71 -24.76 26.26
N PHE C 161 33.58 -25.36 25.91
CA PHE C 161 32.40 -24.62 25.45
C PHE C 161 31.18 -25.09 26.25
N ILE C 162 30.39 -24.12 26.74
CA ILE C 162 29.13 -24.40 27.42
C ILE C 162 28.01 -23.63 26.70
N THR C 163 26.94 -24.31 26.37
CA THR C 163 25.84 -23.75 25.61
C THR C 163 24.89 -23.06 26.57
N ASP C 164 24.05 -22.19 26.01
CA ASP C 164 22.98 -21.55 26.76
C ASP C 164 21.84 -22.53 27.06
N LYS C 165 21.14 -22.26 28.16
CA LYS C 165 19.86 -22.86 28.49
C LYS C 165 19.07 -23.07 27.20
N CYS C 166 18.62 -24.30 27.01
CA CYS C 166 17.76 -24.65 25.89
C CYS C 166 16.60 -25.45 26.51
N VAL C 167 15.37 -24.95 26.32
CA VAL C 167 14.18 -25.59 26.90
C VAL C 167 13.52 -26.54 25.88
N LEU C 168 13.33 -27.80 26.24
CA LEU C 168 12.56 -28.74 25.39
C LEU C 168 11.26 -29.14 26.11
N ASP C 169 10.33 -29.70 25.33
CA ASP C 169 9.02 -30.12 25.84
C ASP C 169 8.70 -31.41 25.12
N MET C 170 8.75 -32.52 25.87
CA MET C 170 8.25 -33.79 25.36
C MET C 170 6.74 -33.70 25.49
N LYS C 171 6.07 -33.43 24.37
CA LYS C 171 4.61 -33.31 24.35
C LYS C 171 3.92 -34.69 24.37
N ALA C 172 4.72 -35.76 24.29
CA ALA C 172 4.32 -37.15 24.67
C ALA C 172 3.63 -37.22 26.06
N MET C 173 4.26 -36.63 27.09
CA MET C 173 3.65 -36.47 28.43
C MET C 173 3.66 -34.97 28.86
N ASP C 174 3.56 -34.70 30.17
CA ASP C 174 3.74 -33.33 30.72
C ASP C 174 5.15 -33.17 31.34
N SER C 175 6.15 -32.99 30.48
CA SER C 175 7.57 -32.92 30.88
C SER C 175 8.42 -31.99 30.00
N LYS C 176 8.38 -30.72 30.38
CA LYS C 176 9.29 -29.70 29.88
C LYS C 176 10.63 -29.81 30.66
N SER C 177 11.75 -29.43 30.05
CA SER C 177 13.03 -29.41 30.76
C SER C 177 14.06 -28.47 30.18
N ASN C 178 14.71 -27.74 31.08
CA ASN C 178 15.85 -26.94 30.73
C ASN C 178 17.06 -27.84 30.60
N GLY C 179 17.85 -27.58 29.57
CA GLY C 179 19.13 -28.27 29.39
C GLY C 179 20.24 -27.40 28.82
N ALA C 180 21.48 -27.87 28.99
CA ALA C 180 22.66 -27.21 28.43
C ALA C 180 23.74 -28.27 28.28
N ILE C 181 24.68 -27.98 27.38
CA ILE C 181 25.67 -28.98 26.97
C ILE C 181 27.07 -28.38 27.15
N ALA C 182 28.03 -29.22 27.48
CA ALA C 182 29.43 -28.76 27.47
C ALA C 182 30.32 -29.83 26.89
N TRP C 183 31.36 -29.38 26.18
CA TRP C 183 32.37 -30.28 25.60
C TRP C 183 33.70 -29.54 25.59
N SER C 184 34.80 -30.29 25.47
CA SER C 184 36.13 -29.72 25.55
C SER C 184 37.01 -30.30 24.45
N ASN C 185 38.16 -29.65 24.22
CA ASN C 185 39.19 -30.13 23.28
C ASN C 185 40.23 -30.95 24.04
N GLN C 186 39.73 -32.01 24.66
CA GLN C 186 40.44 -32.81 25.66
C GLN C 186 39.46 -33.79 26.37
N THR C 187 40.04 -34.85 26.94
CA THR C 187 39.47 -35.51 28.13
C THR C 187 40.47 -35.26 29.29
N SER C 188 40.51 -33.99 29.68
CA SER C 188 41.07 -33.51 30.95
C SER C 188 39.94 -32.93 31.82
N PHE C 189 38.91 -32.36 31.16
CA PHE C 189 37.62 -31.97 31.78
C PHE C 189 36.85 -33.11 32.43
N THR C 190 35.90 -32.73 33.28
CA THR C 190 35.03 -33.65 34.00
C THR C 190 33.69 -32.96 34.17
N CYS C 191 32.59 -33.67 33.93
CA CYS C 191 31.24 -33.06 33.98
C CYS C 191 30.78 -32.57 35.37
N GLN C 192 31.36 -33.15 36.42
CA GLN C 192 30.86 -32.95 37.80
C GLN C 192 31.29 -31.63 38.46
N ASP C 193 32.14 -30.85 37.78
CA ASP C 193 32.45 -29.46 38.19
C ASP C 193 32.18 -28.39 37.09
N ILE C 194 32.43 -28.73 35.82
CA ILE C 194 32.20 -27.82 34.67
C ILE C 194 30.89 -27.03 34.74
N PHE C 195 29.85 -27.63 35.35
CA PHE C 195 28.54 -27.00 35.49
C PHE C 195 28.24 -26.24 36.78
N LYS C 196 29.18 -26.15 37.70
CA LYS C 196 29.04 -25.16 38.78
C LYS C 196 30.39 -24.65 39.23
N ALA D 1 1.99 -16.96 -4.01
CA ALA D 1 3.21 -17.35 -3.30
C ALA D 1 4.34 -16.41 -3.73
N VAL D 2 5.28 -16.22 -2.82
CA VAL D 2 6.49 -15.47 -3.13
C VAL D 2 7.64 -16.40 -2.80
N THR D 3 8.48 -16.73 -3.77
CA THR D 3 9.53 -17.72 -3.54
C THR D 3 10.86 -17.13 -3.96
N GLN D 4 11.87 -17.28 -3.10
CA GLN D 4 13.21 -16.75 -3.34
C GLN D 4 14.19 -17.82 -3.69
N SER D 5 15.23 -17.43 -4.40
CA SER D 5 16.25 -18.36 -4.83
C SER D 5 17.59 -17.57 -4.89
N PRO D 6 18.69 -18.14 -4.42
CA PRO D 6 18.74 -19.37 -3.63
C PRO D 6 18.30 -19.08 -2.21
N ARG D 7 18.20 -20.15 -1.46
CA ARG D 7 17.90 -20.11 -0.03
C ARG D 7 19.09 -19.53 0.76
N SER D 8 20.28 -19.89 0.28
CA SER D 8 21.53 -19.45 0.87
C SER D 8 22.54 -19.21 -0.21
N LYS D 9 23.42 -18.25 0.03
CA LYS D 9 24.48 -17.91 -0.86
C LYS D 9 25.76 -17.59 -0.07
N VAL D 10 26.86 -18.21 -0.49
CA VAL D 10 28.19 -17.84 -0.01
C VAL D 10 28.96 -17.31 -1.19
N ALA D 11 29.48 -16.10 -1.05
CA ALA D 11 30.21 -15.42 -2.14
C ALA D 11 31.54 -14.87 -1.68
N VAL D 12 32.46 -14.75 -2.63
CA VAL D 12 33.72 -14.06 -2.41
C VAL D 12 33.57 -12.54 -2.46
N THR D 13 34.37 -11.83 -1.66
CA THR D 13 34.39 -10.37 -1.75
C THR D 13 34.83 -10.00 -3.16
N GLY D 14 34.16 -9.01 -3.70
CA GLY D 14 34.29 -8.68 -5.08
C GLY D 14 33.63 -9.57 -6.12
N GLY D 15 32.89 -10.60 -5.71
CA GLY D 15 32.25 -11.50 -6.65
C GLY D 15 30.85 -10.94 -6.98
N LYS D 16 30.23 -11.49 -8.03
CA LYS D 16 28.91 -11.09 -8.45
C LYS D 16 27.92 -12.01 -7.77
N VAL D 17 26.82 -11.46 -7.25
CA VAL D 17 25.74 -12.23 -6.62
C VAL D 17 24.37 -11.77 -7.18
N THR D 18 23.51 -12.68 -7.61
CA THR D 18 22.13 -12.37 -8.02
C THR D 18 21.15 -13.16 -7.14
N LEU D 19 20.30 -12.44 -6.42
CA LEU D 19 19.22 -13.09 -5.66
C LEU D 19 17.97 -12.91 -6.46
N SER D 20 17.24 -13.99 -6.65
CA SER D 20 16.01 -14.01 -7.44
C SER D 20 14.75 -14.13 -6.59
N CYS D 21 13.67 -13.55 -7.09
CA CYS D 21 12.38 -13.70 -6.48
C CYS D 21 11.36 -13.86 -7.55
N HIS D 22 10.46 -14.83 -7.34
CA HIS D 22 9.34 -15.14 -8.22
C HIS D 22 8.06 -15.09 -7.42
N GLN D 23 7.10 -14.33 -7.89
CA GLN D 23 5.77 -14.29 -7.23
C GLN D 23 4.65 -14.64 -8.17
N THR D 24 3.69 -15.40 -7.63
CA THR D 24 2.50 -15.82 -8.36
C THR D 24 1.24 -15.11 -7.85
N ASN D 25 1.38 -13.93 -7.21
CA ASN D 25 0.24 -13.18 -6.70
C ASN D 25 -0.37 -12.26 -7.72
N ASN D 26 0.22 -12.18 -8.92
CA ASN D 26 -0.11 -11.18 -9.93
C ASN D 26 -0.05 -9.76 -9.36
N HIS D 27 0.90 -9.51 -8.47
CA HIS D 27 1.02 -8.21 -7.82
C HIS D 27 1.92 -7.34 -8.62
N ASP D 28 1.66 -6.04 -8.61
CA ASP D 28 2.49 -5.12 -9.35
C ASP D 28 3.70 -4.62 -8.59
N TYR D 29 3.60 -4.47 -7.27
CA TYR D 29 4.69 -3.94 -6.47
C TYR D 29 5.55 -5.14 -6.01
N MET D 30 6.87 -5.02 -6.15
CA MET D 30 7.84 -5.95 -5.55
C MET D 30 8.94 -5.18 -4.84
N TYR D 31 9.50 -5.81 -3.79
CA TYR D 31 10.41 -5.17 -2.87
C TYR D 31 11.56 -6.07 -2.51
N TRP D 32 12.71 -5.48 -2.23
CA TRP D 32 13.84 -6.22 -1.62
C TRP D 32 14.20 -5.54 -0.31
N TYR D 33 14.19 -6.30 0.77
CA TYR D 33 14.54 -5.84 2.12
C TYR D 33 15.81 -6.53 2.66
N ARG D 34 16.49 -5.82 3.53
CA ARG D 34 17.65 -6.30 4.25
C ARG D 34 17.32 -6.43 5.74
N GLN D 35 17.71 -7.54 6.33
CA GLN D 35 17.57 -7.78 7.77
C GLN D 35 18.93 -8.15 8.35
N ASP D 36 19.30 -7.56 9.49
CA ASP D 36 20.64 -7.75 10.09
C ASP D 36 20.51 -8.31 11.49
N THR D 37 21.09 -9.50 11.66
CA THR D 37 21.05 -10.30 12.88
C THR D 37 19.66 -10.41 13.47
N GLY D 38 18.70 -10.72 12.58
CA GLY D 38 17.29 -10.87 12.93
C GLY D 38 16.54 -9.57 13.19
N HIS D 39 17.15 -8.40 12.96
CA HIS D 39 16.49 -7.10 13.14
C HIS D 39 16.42 -6.26 11.89
N GLY D 40 15.36 -5.45 11.85
CA GLY D 40 15.16 -4.52 10.78
C GLY D 40 14.61 -5.20 9.54
N LEU D 41 13.88 -4.39 8.79
CA LEU D 41 13.50 -4.70 7.44
C LEU D 41 13.78 -3.43 6.70
N ARG D 42 14.96 -3.34 6.11
CA ARG D 42 15.37 -2.11 5.42
C ARG D 42 15.22 -2.19 3.90
N LEU D 43 14.48 -1.24 3.32
CA LEU D 43 14.16 -1.27 1.89
C LEU D 43 15.38 -0.86 1.03
N ILE D 44 15.80 -1.77 0.14
CA ILE D 44 16.91 -1.55 -0.74
C ILE D 44 16.46 -0.98 -2.09
N HIS D 45 15.58 -1.72 -2.77
CA HIS D 45 15.03 -1.31 -4.05
C HIS D 45 13.59 -1.81 -4.09
N TYR D 46 12.78 -1.21 -4.94
CA TYR D 46 11.46 -1.74 -5.18
C TYR D 46 11.08 -1.42 -6.61
N SER D 47 9.87 -1.81 -7.01
CA SER D 47 9.42 -1.67 -8.40
C SER D 47 7.90 -1.73 -8.40
N TYR D 48 7.27 -0.83 -9.13
CA TYR D 48 5.81 -0.82 -9.13
C TYR D 48 5.20 -1.24 -10.47
N VAL D 49 6.05 -1.62 -11.42
CA VAL D 49 5.57 -2.15 -12.66
C VAL D 49 6.67 -3.00 -13.28
N ALA D 50 6.26 -4.05 -13.99
CA ALA D 50 7.13 -4.86 -14.84
C ALA D 50 8.04 -3.95 -15.65
N ASP D 51 9.29 -4.32 -15.75
CA ASP D 51 10.26 -3.70 -16.64
C ASP D 51 10.80 -2.33 -16.20
N SER D 52 10.58 -1.96 -14.92
CA SER D 52 11.24 -0.79 -14.29
C SER D 52 11.48 -0.98 -12.79
N THR D 53 12.32 -0.13 -12.21
CA THR D 53 12.69 -0.24 -10.82
C THR D 53 12.91 1.10 -10.22
N GLU D 54 12.85 1.13 -8.89
CA GLU D 54 12.97 2.37 -8.11
C GLU D 54 13.91 2.15 -6.95
N LYS D 55 14.69 3.17 -6.64
CA LYS D 55 15.64 3.13 -5.54
C LYS D 55 14.88 3.17 -4.25
N GLY D 56 15.30 2.33 -3.30
CA GLY D 56 14.68 2.29 -1.99
C GLY D 56 15.47 3.22 -1.11
N ASP D 57 15.48 2.92 0.17
CA ASP D 57 16.24 3.69 1.16
C ASP D 57 17.75 3.41 1.25
N ILE D 58 18.17 2.16 1.06
CA ILE D 58 19.60 1.81 1.14
C ILE D 58 20.08 1.15 -0.13
N PRO D 59 19.92 1.84 -1.29
CA PRO D 59 20.22 1.24 -2.59
C PRO D 59 21.71 0.93 -2.84
N ASP D 60 22.59 1.57 -2.08
CA ASP D 60 24.00 1.59 -2.46
C ASP D 60 24.67 0.24 -2.31
N GLY D 61 25.37 -0.17 -3.37
CA GLY D 61 25.93 -1.49 -3.50
C GLY D 61 25.03 -2.49 -4.20
N TYR D 62 23.78 -2.12 -4.47
CA TYR D 62 22.78 -3.05 -5.02
C TYR D 62 22.19 -2.52 -6.31
N LYS D 63 21.95 -3.40 -7.28
CA LYS D 63 21.10 -3.08 -8.45
C LYS D 63 19.87 -3.99 -8.35
N ALA D 64 18.77 -3.57 -8.97
CA ALA D 64 17.59 -4.41 -9.12
C ALA D 64 17.18 -4.49 -10.57
N SER D 65 16.54 -5.59 -10.90
CA SER D 65 15.99 -5.81 -12.22
C SER D 65 14.59 -6.40 -12.13
N ARG D 66 13.64 -5.88 -12.92
CA ARG D 66 12.28 -6.39 -12.95
C ARG D 66 11.92 -6.80 -14.38
N PRO D 67 12.43 -7.96 -14.84
CA PRO D 67 12.23 -8.35 -16.24
C PRO D 67 10.81 -8.69 -16.63
N SER D 68 9.97 -9.03 -15.67
CA SER D 68 8.57 -9.37 -15.90
C SER D 68 7.79 -9.01 -14.64
N GLN D 69 6.48 -9.17 -14.66
CA GLN D 69 5.67 -8.93 -13.47
C GLN D 69 6.00 -9.89 -12.34
N GLU D 70 6.37 -11.11 -12.70
CA GLU D 70 6.58 -12.14 -11.71
C GLU D 70 7.93 -12.08 -11.03
N ASN D 71 8.93 -11.46 -11.67
CA ASN D 71 10.33 -11.63 -11.26
C ASN D 71 11.01 -10.35 -10.89
N PHE D 72 11.71 -10.35 -9.76
CA PHE D 72 12.45 -9.21 -9.29
C PHE D 72 13.78 -9.69 -8.73
N SER D 73 14.89 -9.25 -9.31
CA SER D 73 16.15 -9.75 -8.83
C SER D 73 16.99 -8.65 -8.18
N LEU D 74 17.78 -9.06 -7.19
CA LEU D 74 18.71 -8.16 -6.53
C LEU D 74 20.12 -8.57 -6.95
N ILE D 75 20.89 -7.60 -7.44
CA ILE D 75 22.20 -7.83 -8.05
C ILE D 75 23.23 -7.07 -7.24
N LEU D 76 24.26 -7.77 -6.77
CA LEU D 76 25.40 -7.16 -6.07
C LEU D 76 26.58 -7.39 -7.01
N GLU D 77 27.06 -6.36 -7.70
CA GLU D 77 28.08 -6.56 -8.78
C GLU D 77 29.43 -6.86 -8.19
N LEU D 78 29.72 -6.30 -7.02
CA LEU D 78 31.03 -6.38 -6.35
C LEU D 78 30.74 -6.59 -4.84
N ALA D 79 30.47 -7.82 -4.45
CA ALA D 79 29.96 -8.10 -3.11
C ALA D 79 30.96 -7.71 -2.07
N SER D 80 30.50 -7.06 -0.99
CA SER D 80 31.41 -6.64 0.06
C SER D 80 31.02 -7.35 1.34
N LEU D 81 31.97 -7.39 2.28
CA LEU D 81 31.78 -7.97 3.63
C LEU D 81 30.52 -7.46 4.33
N SER D 82 30.27 -6.16 4.20
CA SER D 82 29.13 -5.48 4.83
C SER D 82 27.79 -5.86 4.24
N GLN D 83 27.77 -6.59 3.12
CA GLN D 83 26.54 -7.07 2.54
C GLN D 83 26.13 -8.46 3.06
N THR D 84 26.96 -9.03 3.94
CA THR D 84 26.57 -10.22 4.71
C THR D 84 25.31 -9.87 5.54
N ALA D 85 24.19 -10.56 5.31
CA ALA D 85 22.86 -10.20 5.87
C ALA D 85 21.84 -11.21 5.34
N VAL D 86 20.58 -11.06 5.76
CA VAL D 86 19.50 -11.89 5.24
C VAL D 86 18.58 -10.96 4.45
N TYR D 87 18.15 -11.42 3.28
CA TYR D 87 17.46 -10.62 2.30
C TYR D 87 16.08 -11.22 2.07
N PHE D 88 15.08 -10.36 2.14
CA PHE D 88 13.70 -10.78 1.93
C PHE D 88 13.06 -10.03 0.75
N CYS D 89 12.44 -10.80 -0.12
CA CYS D 89 11.65 -10.28 -1.25
C CYS D 89 10.24 -10.14 -0.75
N ALA D 90 9.49 -9.18 -1.27
CA ALA D 90 8.06 -9.17 -1.04
C ALA D 90 7.30 -8.66 -2.24
N SER D 91 6.01 -8.95 -2.25
CA SER D 91 5.07 -8.39 -3.21
C SER D 91 3.90 -7.73 -2.49
N SER D 92 3.29 -6.79 -3.19
CA SER D 92 2.02 -6.29 -2.77
C SER D 92 1.22 -5.81 -3.95
N ASP D 93 -0.09 -5.68 -3.72
CA ASP D 93 -1.09 -5.38 -4.77
CA ASP D 93 -0.99 -4.95 -4.62
C ASP D 93 -0.88 -4.06 -5.49
C ASP D 93 -0.59 -3.45 -4.63
N ALA D 94 -1.08 -2.98 -4.76
N ALA D 94 -0.90 -2.73 -5.72
CA ALA D 94 -0.63 -1.68 -5.13
CA ALA D 94 -0.69 -1.29 -5.78
C ALA D 94 0.26 -1.57 -3.94
C ALA D 94 -1.65 -0.62 -4.84
N GLY D 95 0.46 -0.38 -3.40
N GLY D 95 -1.35 0.63 -4.49
CA GLY D 95 1.34 -0.37 -2.27
CA GLY D 95 -2.27 1.39 -3.65
C GLY D 95 0.61 0.23 -1.11
C GLY D 95 -1.70 1.58 -2.27
N GLY D 96 1.29 1.18 -0.44
N GLY D 96 -2.60 1.77 -1.33
CA GLY D 96 0.71 1.82 0.70
CA GLY D 96 -2.19 2.20 0.00
C GLY D 96 0.20 0.83 1.72
C GLY D 96 -2.50 1.28 1.13
N ARG D 97 -1.11 0.77 1.96
N ARG D 97 -1.47 0.80 1.84
CA ARG D 97 -1.66 -0.04 3.06
CA ARG D 97 -1.67 -0.06 3.03
C ARG D 97 -1.86 -1.51 2.66
N ASN D 98 -1.61 -1.86 1.40
CA ASN D 98 -1.85 -3.23 0.95
C ASN D 98 -0.81 -4.15 1.57
N THR D 99 -1.25 -5.31 2.01
CA THR D 99 -0.38 -6.25 2.72
C THR D 99 0.85 -6.67 1.90
N LEU D 100 1.99 -6.71 2.56
CA LEU D 100 3.20 -7.24 1.95
C LEU D 100 3.24 -8.73 2.18
N TYR D 101 3.49 -9.45 1.11
CA TYR D 101 3.65 -10.89 1.15
C TYR D 101 5.11 -11.21 0.88
N PHE D 102 5.75 -11.86 1.86
CA PHE D 102 7.21 -11.97 1.87
C PHE D 102 7.62 -13.40 1.45
N GLY D 103 8.78 -13.51 0.81
CA GLY D 103 9.50 -14.76 0.67
C GLY D 103 10.12 -15.22 1.98
N ALA D 104 10.73 -16.40 1.96
CA ALA D 104 11.18 -17.05 3.19
C ALA D 104 12.60 -16.62 3.53
N GLY D 105 13.24 -15.85 2.65
CA GLY D 105 14.50 -15.18 2.94
C GLY D 105 15.68 -15.90 2.30
N THR D 106 16.77 -15.13 2.08
CA THR D 106 18.02 -15.64 1.53
C THR D 106 19.13 -15.16 2.41
N ARG D 107 19.88 -16.10 2.97
CA ARG D 107 21.05 -15.76 3.76
C ARG D 107 22.32 -15.65 2.91
N LEU D 108 23.00 -14.53 2.99
CA LEU D 108 24.22 -14.26 2.26
C LEU D 108 25.35 -14.06 3.21
N SER D 109 26.40 -14.83 2.99
CA SER D 109 27.70 -14.54 3.56
C SER D 109 28.71 -14.23 2.46
N VAL D 110 29.45 -13.15 2.68
CA VAL D 110 30.51 -12.69 1.77
C VAL D 110 31.83 -12.89 2.52
N LEU D 111 32.75 -13.62 1.91
CA LEU D 111 33.99 -14.01 2.56
C LEU D 111 35.18 -13.57 1.75
N GLU D 112 36.31 -13.33 2.41
CA GLU D 112 37.52 -13.00 1.70
C GLU D 112 38.05 -14.19 0.89
N ASP D 113 37.83 -15.41 1.36
CA ASP D 113 38.46 -16.57 0.77
C ASP D 113 37.56 -17.80 0.93
N LEU D 114 37.13 -18.32 -0.22
CA LEU D 114 36.17 -19.42 -0.21
C LEU D 114 36.82 -20.72 0.20
N ARG D 115 38.15 -20.80 0.25
CA ARG D 115 38.78 -21.98 0.77
C ARG D 115 38.42 -22.23 2.25
N ASN D 116 37.93 -21.20 2.94
CA ASN D 116 37.47 -21.35 4.30
C ASN D 116 36.10 -22.08 4.45
N VAL D 117 35.35 -22.25 3.36
CA VAL D 117 34.05 -22.89 3.46
C VAL D 117 34.24 -24.35 3.78
N THR D 118 33.66 -24.79 4.88
CA THR D 118 33.81 -26.14 5.36
C THR D 118 32.53 -26.71 5.94
N PRO D 119 32.13 -27.90 5.48
CA PRO D 119 30.97 -28.53 6.05
C PRO D 119 31.23 -29.11 7.44
N PRO D 120 30.16 -29.39 8.19
CA PRO D 120 30.34 -29.94 9.58
C PRO D 120 30.69 -31.39 9.64
N LYS D 121 31.41 -31.72 10.69
CA LYS D 121 31.41 -33.04 11.26
C LYS D 121 30.18 -33.15 12.12
N VAL D 122 29.38 -34.19 11.92
CA VAL D 122 28.13 -34.38 12.68
C VAL D 122 28.23 -35.64 13.59
N SER D 123 28.09 -35.47 14.91
CA SER D 123 28.33 -36.53 15.86
C SER D 123 27.11 -36.70 16.73
N LEU D 124 26.73 -37.96 16.97
CA LEU D 124 25.56 -38.22 17.76
C LEU D 124 25.99 -38.94 19.04
N PHE D 125 25.75 -38.27 20.17
CA PHE D 125 26.14 -38.82 21.47
C PHE D 125 24.92 -39.53 22.06
N GLU D 126 25.12 -40.74 22.50
CA GLU D 126 24.03 -41.60 22.92
C GLU D 126 23.73 -41.36 24.41
N PRO D 127 22.53 -41.73 24.85
CA PRO D 127 22.11 -41.33 26.16
C PRO D 127 22.85 -42.03 27.28
N SER D 128 23.02 -41.32 28.39
CA SER D 128 23.69 -41.85 29.57
C SER D 128 22.81 -42.90 30.24
N LYS D 129 23.41 -44.01 30.63
CA LYS D 129 22.69 -45.02 31.44
C LYS D 129 22.15 -44.45 32.75
N ALA D 130 22.85 -43.47 33.32
CA ALA D 130 22.38 -42.82 34.57
C ALA D 130 21.05 -42.06 34.41
N GLU D 131 20.84 -41.44 33.25
CA GLU D 131 19.61 -40.74 33.00
C GLU D 131 18.51 -41.69 32.79
N ILE D 132 18.72 -42.69 31.97
CA ILE D 132 17.72 -43.68 31.71
C ILE D 132 17.27 -44.35 33.02
N ALA D 133 18.22 -44.64 33.89
CA ALA D 133 17.98 -45.32 35.14
C ALA D 133 17.29 -44.42 36.13
N ASN D 134 17.83 -43.23 36.31
CA ASN D 134 17.32 -42.34 37.31
C ASN D 134 16.06 -41.61 36.91
N LYS D 135 15.85 -41.40 35.63
CA LYS D 135 14.75 -40.56 35.17
C LYS D 135 13.84 -41.19 34.16
N GLN D 136 14.09 -42.43 33.75
CA GLN D 136 13.26 -43.10 32.73
C GLN D 136 13.16 -42.22 31.48
N LYS D 137 14.22 -41.47 31.22
CA LYS D 137 14.36 -40.70 29.96
C LYS D 137 15.77 -40.84 29.39
N ALA D 138 15.84 -40.54 28.10
CA ALA D 138 17.04 -40.74 27.32
C ALA D 138 17.19 -39.52 26.44
N THR D 139 18.19 -38.69 26.73
CA THR D 139 18.49 -37.52 25.93
C THR D 139 19.64 -37.92 24.98
N LEU D 140 19.36 -37.85 23.67
CA LEU D 140 20.39 -37.89 22.62
C LEU D 140 20.84 -36.46 22.35
N VAL D 141 22.13 -36.31 22.11
CA VAL D 141 22.71 -35.03 21.81
C VAL D 141 23.44 -35.09 20.47
N CYS D 142 23.04 -34.19 19.58
CA CYS D 142 23.73 -34.03 18.33
C CYS D 142 24.66 -32.82 18.37
N LEU D 143 25.88 -33.01 17.89
CA LEU D 143 26.84 -31.92 17.79
C LEU D 143 27.42 -31.77 16.39
N ALA D 144 27.28 -30.57 15.85
CA ALA D 144 27.88 -30.26 14.54
C ALA D 144 29.03 -29.36 14.80
N ARG D 145 30.20 -29.71 14.27
CA ARG D 145 31.43 -28.96 14.62
C ARG D 145 32.25 -28.70 13.40
N GLY D 146 33.02 -27.64 13.46
CA GLY D 146 34.02 -27.40 12.45
C GLY D 146 33.48 -26.81 11.15
N PHE D 147 32.31 -26.19 11.17
CA PHE D 147 31.74 -25.68 9.94
C PHE D 147 31.89 -24.17 9.77
N PHE D 148 31.84 -23.74 8.51
CA PHE D 148 31.97 -22.36 8.14
C PHE D 148 31.46 -22.16 6.71
N PRO D 149 30.67 -21.11 6.45
CA PRO D 149 30.16 -20.14 7.47
C PRO D 149 29.02 -20.77 8.28
N ASP D 150 28.21 -19.99 8.96
CA ASP D 150 27.17 -20.53 9.85
C ASP D 150 25.77 -20.78 9.24
N HIS D 151 25.71 -21.20 7.98
CA HIS D 151 24.43 -21.39 7.34
C HIS D 151 24.11 -22.88 7.52
N VAL D 152 23.66 -23.25 8.72
CA VAL D 152 23.26 -24.62 9.02
C VAL D 152 21.87 -24.68 9.60
N GLU D 153 21.13 -25.75 9.27
CA GLU D 153 19.80 -26.05 9.88
C GLU D 153 19.82 -27.50 10.33
N LEU D 154 19.49 -27.71 11.59
CA LEU D 154 19.56 -29.01 12.22
C LEU D 154 18.16 -29.50 12.41
N SER D 155 17.90 -30.74 12.00
CA SER D 155 16.61 -31.39 12.19
C SER D 155 16.80 -32.84 12.74
N TRP D 156 15.79 -33.31 13.49
CA TRP D 156 15.79 -34.67 13.99
C TRP D 156 14.71 -35.48 13.26
N TRP D 157 15.05 -36.71 12.96
CA TRP D 157 14.17 -37.62 12.26
C TRP D 157 14.04 -38.89 13.08
N VAL D 158 12.81 -39.24 13.48
CA VAL D 158 12.57 -40.47 14.24
C VAL D 158 11.77 -41.42 13.35
N ASN D 159 12.32 -42.60 13.12
CA ASN D 159 11.70 -43.56 12.23
C ASN D 159 11.31 -43.01 10.86
N GLY D 160 12.21 -42.21 10.29
CA GLY D 160 11.99 -41.61 8.97
C GLY D 160 11.09 -40.40 8.89
N LYS D 161 10.56 -39.90 10.01
CA LYS D 161 9.71 -38.69 10.02
C LYS D 161 10.28 -37.62 10.93
N GLU D 162 10.21 -36.37 10.49
CA GLU D 162 10.82 -35.27 11.22
C GLU D 162 10.05 -35.08 12.52
N VAL D 163 10.73 -34.85 13.65
CA VAL D 163 10.05 -34.61 14.93
C VAL D 163 10.39 -33.24 15.48
N HIS D 164 9.45 -32.64 16.22
CA HIS D 164 9.67 -31.36 16.90
C HIS D 164 9.49 -31.43 18.42
N SER D 165 8.60 -32.28 18.88
CA SER D 165 8.48 -32.56 20.31
C SER D 165 9.75 -33.17 20.84
N GLY D 166 10.15 -32.70 22.02
CA GLY D 166 11.25 -33.24 22.73
C GLY D 166 12.61 -32.77 22.24
N VAL D 167 12.65 -31.74 21.38
CA VAL D 167 13.87 -31.21 20.79
C VAL D 167 14.14 -29.79 21.31
N CYS D 168 15.40 -29.45 21.57
CA CYS D 168 15.80 -28.07 21.72
C CYS D 168 17.15 -27.93 21.04
N THR D 169 17.20 -27.05 20.04
CA THR D 169 18.41 -26.77 19.27
C THR D 169 18.94 -25.38 19.67
N ASP D 170 20.27 -25.22 19.75
CA ASP D 170 20.84 -23.90 20.03
C ASP D 170 20.30 -22.88 18.98
N PRO D 171 19.90 -21.68 19.41
CA PRO D 171 19.40 -20.72 18.38
C PRO D 171 20.51 -20.17 17.49
N GLN D 172 21.72 -20.15 18.02
CA GLN D 172 22.88 -19.51 17.42
C GLN D 172 24.08 -20.48 17.45
N ALA D 173 24.74 -20.66 16.31
CA ALA D 173 25.99 -21.37 16.25
C ALA D 173 27.00 -20.67 17.16
N TYR D 174 27.85 -21.44 17.84
CA TYR D 174 28.92 -20.91 18.71
C TYR D 174 30.19 -20.87 17.89
N LYS D 175 30.83 -19.70 17.87
CA LYS D 175 32.04 -19.53 17.09
C LYS D 175 33.17 -20.11 17.95
N GLU D 176 33.81 -21.18 17.50
CA GLU D 176 34.97 -21.76 18.21
C GLU D 176 36.31 -21.12 17.84
N SER D 177 36.43 -20.61 16.63
CA SER D 177 37.63 -19.88 16.20
C SER D 177 37.22 -19.15 14.94
N ASN D 178 38.14 -18.39 14.33
CA ASN D 178 37.79 -17.46 13.27
C ASN D 178 36.92 -18.09 12.23
N TYR D 179 37.29 -19.29 11.81
CA TYR D 179 36.65 -19.92 10.70
C TYR D 179 36.03 -21.23 11.10
N SER D 180 35.48 -21.34 12.32
CA SER D 180 34.96 -22.63 12.78
C SER D 180 33.78 -22.47 13.75
N TYR D 181 32.61 -22.94 13.34
CA TYR D 181 31.42 -22.84 14.19
C TYR D 181 31.00 -24.20 14.65
N SER D 182 30.31 -24.20 15.79
CA SER D 182 29.69 -25.38 16.34
C SER D 182 28.24 -25.13 16.67
N LEU D 183 27.44 -26.19 16.58
CA LEU D 183 26.00 -26.13 16.95
C LEU D 183 25.60 -27.45 17.65
N SER D 184 24.77 -27.34 18.68
CA SER D 184 24.23 -28.52 19.34
C SER D 184 22.71 -28.54 19.40
N SER D 185 22.19 -29.75 19.53
CA SER D 185 20.78 -29.97 19.74
C SER D 185 20.58 -31.23 20.56
N ARG D 186 19.44 -31.29 21.23
CA ARG D 186 19.10 -32.53 21.88
C ARG D 186 17.67 -32.93 21.65
N LEU D 187 17.50 -34.25 21.69
CA LEU D 187 16.24 -34.93 21.56
C LEU D 187 16.09 -35.80 22.77
N ARG D 188 14.97 -35.64 23.47
CA ARG D 188 14.71 -36.46 24.63
C ARG D 188 13.49 -37.33 24.37
N VAL D 189 13.61 -38.62 24.64
CA VAL D 189 12.52 -39.59 24.48
C VAL D 189 12.43 -40.38 25.80
N SER D 190 11.41 -41.20 25.97
CA SER D 190 11.34 -42.08 27.14
C SER D 190 12.36 -43.19 27.02
N ALA D 191 12.73 -43.72 28.17
CA ALA D 191 13.64 -44.86 28.29
C ALA D 191 13.19 -46.03 27.45
N THR D 192 11.89 -46.32 27.47
CA THR D 192 11.42 -47.51 26.79
C THR D 192 11.36 -47.26 25.29
N PHE D 193 11.15 -46.02 24.85
CA PHE D 193 11.23 -45.70 23.42
C PHE D 193 12.69 -45.91 22.90
N TRP D 194 13.64 -45.43 23.70
CA TRP D 194 15.05 -45.64 23.43
C TRP D 194 15.41 -47.11 23.49
N HIS D 195 14.77 -47.86 24.39
CA HIS D 195 15.13 -49.28 24.56
C HIS D 195 14.57 -50.20 23.45
N ASN D 196 13.67 -49.70 22.61
CA ASN D 196 13.11 -50.44 21.52
C ASN D 196 14.01 -50.46 20.26
N PRO D 197 14.54 -51.65 19.87
CA PRO D 197 15.46 -51.74 18.68
C PRO D 197 14.84 -51.43 17.33
N ARG D 198 13.49 -51.38 17.26
CA ARG D 198 12.77 -50.93 16.09
C ARG D 198 12.85 -49.43 15.83
N ASN D 199 13.19 -48.66 16.85
CA ASN D 199 13.29 -47.20 16.70
C ASN D 199 14.63 -46.69 16.16
N HIS D 200 14.53 -45.81 15.15
CA HIS D 200 15.68 -45.27 14.47
C HIS D 200 15.69 -43.76 14.74
N PHE D 201 16.84 -43.25 15.13
CA PHE D 201 17.03 -41.84 15.47
C PHE D 201 18.07 -41.23 14.52
N ARG D 202 17.80 -40.07 13.95
CA ARG D 202 18.77 -39.42 13.04
C ARG D 202 18.79 -37.91 13.29
N CYS D 203 20.00 -37.39 13.55
CA CYS D 203 20.28 -35.96 13.48
C CYS D 203 20.73 -35.63 12.04
N GLN D 204 20.05 -34.70 11.38
CA GLN D 204 20.44 -34.22 10.04
C GLN D 204 20.83 -32.77 10.13
N VAL D 205 22.05 -32.47 9.71
CA VAL D 205 22.56 -31.10 9.60
C VAL D 205 22.63 -30.70 8.09
N GLN D 206 21.74 -29.79 7.77
CA GLN D 206 21.73 -29.12 6.49
C GLN D 206 22.79 -28.03 6.43
N PHE D 207 23.84 -28.27 5.66
CA PHE D 207 24.94 -27.28 5.52
C PHE D 207 24.74 -26.54 4.19
N HIS D 208 24.80 -25.22 4.23
CA HIS D 208 24.72 -24.41 3.00
C HIS D 208 26.10 -23.84 2.69
N GLY D 209 26.70 -24.26 1.59
CA GLY D 209 28.06 -23.82 1.24
C GLY D 209 28.05 -23.34 -0.18
N LEU D 210 28.95 -23.89 -0.95
CA LEU D 210 29.06 -23.57 -2.34
C LEU D 210 27.98 -24.28 -3.14
N SER D 211 27.76 -23.81 -4.37
CA SER D 211 26.77 -24.39 -5.26
C SER D 211 27.45 -24.77 -6.56
N GLU D 212 26.64 -25.25 -7.49
CA GLU D 212 27.07 -25.59 -8.86
C GLU D 212 27.75 -24.44 -9.61
N GLU D 213 27.29 -23.21 -9.36
CA GLU D 213 27.89 -22.00 -9.95
C GLU D 213 29.38 -21.84 -9.59
N ASP D 214 29.82 -22.40 -8.47
CA ASP D 214 31.20 -22.27 -8.06
C ASP D 214 32.08 -23.29 -8.76
N LYS D 215 33.19 -22.82 -9.32
CA LYS D 215 34.20 -23.73 -9.86
C LYS D 215 35.11 -24.16 -8.72
N TRP D 216 35.58 -25.40 -8.78
CA TRP D 216 36.44 -25.94 -7.73
C TRP D 216 37.55 -26.78 -8.36
N PRO D 217 38.82 -26.56 -7.96
CA PRO D 217 39.90 -27.30 -8.56
C PRO D 217 39.97 -28.77 -8.21
N GLU D 218 40.96 -29.37 -8.83
CA GLU D 218 41.00 -30.76 -9.25
C GLU D 218 40.95 -31.72 -8.07
N GLY D 219 41.75 -31.43 -7.05
CA GLY D 219 42.17 -32.43 -6.05
C GLY D 219 41.47 -32.62 -4.72
N SER D 220 40.57 -31.71 -4.33
CA SER D 220 39.91 -31.74 -3.04
C SER D 220 38.36 -31.66 -3.18
N PRO D 221 37.66 -32.15 -2.15
CA PRO D 221 36.22 -32.03 -2.10
C PRO D 221 35.72 -30.59 -2.16
N LYS D 222 34.74 -30.36 -3.03
CA LYS D 222 34.06 -29.09 -3.09
C LYS D 222 33.13 -28.98 -1.87
N PRO D 223 33.27 -27.93 -1.08
CA PRO D 223 32.36 -27.78 0.08
C PRO D 223 30.96 -27.21 -0.29
N VAL D 224 30.22 -28.04 -0.98
CA VAL D 224 28.90 -27.76 -1.45
C VAL D 224 27.85 -27.89 -0.36
N THR D 225 26.75 -27.22 -0.60
CA THR D 225 25.52 -27.39 0.15
C THR D 225 25.16 -28.89 0.17
N GLN D 226 24.84 -29.41 1.34
CA GLN D 226 24.59 -30.82 1.50
C GLN D 226 24.02 -31.17 2.86
N ASN D 227 23.32 -32.29 2.90
CA ASN D 227 22.87 -32.87 4.16
C ASN D 227 23.92 -33.81 4.70
N ILE D 228 24.21 -33.67 5.99
CA ILE D 228 25.07 -34.61 6.70
C ILE D 228 24.35 -35.06 7.95
N SER D 229 24.25 -36.39 8.09
CA SER D 229 23.51 -37.04 9.18
C SER D 229 24.37 -37.94 10.04
N ALA D 230 23.97 -38.08 11.30
CA ALA D 230 24.46 -39.14 12.18
C ALA D 230 23.23 -39.86 12.75
N GLU D 231 23.38 -41.16 13.03
CA GLU D 231 22.22 -41.98 13.36
C GLU D 231 22.55 -42.99 14.49
N ALA D 232 21.49 -43.49 15.09
CA ALA D 232 21.56 -44.57 16.06
C ALA D 232 20.18 -45.25 16.15
N TRP D 233 20.25 -46.53 16.46
CA TRP D 233 19.07 -47.34 16.67
C TRP D 233 18.86 -47.48 18.16
N GLY D 234 17.62 -47.59 18.57
CA GLY D 234 17.33 -47.94 19.96
C GLY D 234 17.87 -49.32 20.29
N ARG D 235 17.98 -49.64 21.58
CA ARG D 235 18.45 -50.97 21.97
C ARG D 235 18.08 -51.27 23.39
N ALA D 236 17.91 -52.55 23.72
CA ALA D 236 17.60 -52.98 25.09
C ALA D 236 18.91 -53.38 25.80
N ASP D 237 19.78 -52.38 26.01
CA ASP D 237 21.02 -52.50 26.82
C ASP D 237 20.99 -51.52 28.01
N LYS E 1 -7.94 16.89 2.46
CA LYS E 1 -6.93 16.03 1.82
C LYS E 1 -7.64 14.90 1.07
N ALA E 2 -6.97 14.40 0.04
CA ALA E 2 -7.50 13.38 -0.85
C ALA E 2 -7.56 11.95 -0.25
N PRO E 3 -8.43 11.08 -0.81
CA PRO E 3 -8.40 9.66 -0.43
C PRO E 3 -7.14 8.96 -0.95
N ALA E 4 -6.68 7.99 -0.19
CA ALA E 4 -5.61 7.11 -0.61
C ALA E 4 -6.25 5.73 -0.73
N ASN E 5 -6.52 5.32 -1.97
CA ASN E 5 -7.22 4.06 -2.21
C ASN E 5 -6.38 2.85 -1.78
N PHE E 6 -7.11 1.79 -1.41
CA PHE E 6 -6.55 0.59 -0.78
C PHE E 6 -6.36 -0.46 -1.87
N ALA E 7 -7.13 -1.55 -1.87
CA ALA E 7 -6.97 -2.62 -2.84
C ALA E 7 -7.38 -2.14 -4.23
N THR E 8 -6.66 -2.59 -5.25
CA THR E 8 -6.98 -2.25 -6.60
C THR E 8 -8.27 -2.96 -7.03
N MET E 9 -8.84 -2.52 -8.15
CA MET E 9 -10.10 -3.10 -8.65
C MET E 9 -9.90 -4.53 -9.12
C1 GOL F . -24.55 8.10 -12.24
O1 GOL F . -24.83 9.28 -12.99
C2 GOL F . -24.05 8.44 -10.83
O2 GOL F . -23.78 9.83 -10.68
C3 GOL F . -25.06 7.97 -9.77
O3 GOL F . -24.52 8.11 -8.45
C1 GOL G . -10.68 14.87 -15.36
O1 GOL G . -10.50 15.67 -16.53
C2 GOL G . -10.78 15.73 -14.12
O2 GOL G . -12.03 16.42 -14.14
C3 GOL G . -10.70 14.92 -12.81
O3 GOL G . -11.41 15.65 -11.79
#